data_3IET
#
_entry.id   3IET
#
_cell.length_a   277.910
_cell.length_b   38.240
_cell.length_c   95.910
_cell.angle_alpha   90.00
_cell.angle_beta   108.99
_cell.angle_gamma   90.00
#
_symmetry.space_group_name_H-M   'C 1 2 1'
#
loop_
_entity.id
_entity.type
_entity.pdbx_description
1 polymer 'Immunoglobulin light chain (IgG2a)'
2 polymer 'Immunoglobulin heavy chain (IgG2a)'
3 polymer Podoplanin
4 non-polymer 'ZINC ION'
5 non-polymer 2-acetamido-2-deoxy-alpha-D-galactopyranose
6 water water
#
loop_
_entity_poly.entity_id
_entity_poly.type
_entity_poly.pdbx_seq_one_letter_code
_entity_poly.pdbx_strand_id
1 'polypeptide(L)'
;DIQLTQTPLSLPVSLGDQASISCRSSQSLVHSNGNTYLHWYLQKPGQSPKLLIYKVSNRFSGVPDRFSGSGSGTDFTLKI
SSVEAEDLGVYFCSQSTHVPTFGGGTKLEIKRADAAPTVSIFPPSSEQLTSGGASVVCFLNNFYPKDINVKWKIDGSERQ
NGVLNSWTDQDSKDSTYSMSSTLTLTKDEYERHNSYTCEATHKTSTSPIVKSFNREC
;
A,C
2 'polypeptide(L)'
;QVQLQQSGGGLVQPGGSMKIFCAASGFTFSDAWMDWVRQSPEKGLEWVAEIRNKANNHETYYAESVKGRFTITRDDSKSR
MSLQMNSLRAEDTGIYYCSGGKVRNAYWGQGTTVTVSSKTTTAPSVYPLAPVCGDTTGSSVTLGCLVKGYFPEPVTLTWN
SGSLSSGVHTFPAVLQSDLYTLSSSVTVTSSTWPSQSITCNVAHPASSTKVDKKIEPR
;
B,D
3 'polypeptide(L)' GTKPPLEEL X,Q
#
# COMPACT_ATOMS: atom_id res chain seq x y z
N ILE A 2 10.80 17.29 8.78
CA ILE A 2 10.87 16.66 7.47
C ILE A 2 10.41 15.20 7.54
N GLN A 3 9.40 14.89 6.74
CA GLN A 3 8.79 13.56 6.71
C GLN A 3 9.47 12.64 5.71
N LEU A 4 9.92 11.48 6.17
CA LEU A 4 10.43 10.47 5.25
C LEU A 4 9.40 9.36 5.08
N THR A 5 8.82 9.30 3.89
CA THR A 5 7.76 8.33 3.61
C THR A 5 8.34 7.13 2.88
N GLN A 6 8.33 6.00 3.56
CA GLN A 6 9.01 4.82 3.05
C GLN A 6 8.05 3.73 2.61
N THR A 7 8.35 3.12 1.48
CA THR A 7 7.39 2.29 0.80
C THR A 7 8.14 1.16 0.09
N PRO A 8 7.58 -0.05 0.10
CA PRO A 8 6.35 -0.51 0.76
C PRO A 8 6.59 -0.90 2.23
N LEU A 9 5.54 -1.34 2.91
CA LEU A 9 5.67 -1.82 4.29
C LEU A 9 6.34 -3.17 4.30
N SER A 10 5.97 -4.00 3.34
CA SER A 10 6.44 -5.37 3.26
C SER A 10 6.88 -5.69 1.83
N LEU A 11 7.98 -6.42 1.70
CA LEU A 11 8.56 -6.65 0.38
C LEU A 11 9.02 -8.11 0.23
N PRO A 12 8.11 -8.99 -0.18
CA PRO A 12 8.48 -10.40 -0.44
C PRO A 12 9.20 -10.49 -1.78
N VAL A 13 10.36 -11.14 -1.76
CA VAL A 13 11.19 -11.26 -2.94
C VAL A 13 11.83 -12.64 -2.95
N SER A 14 12.01 -13.19 -4.15
CA SER A 14 12.69 -14.49 -4.28
C SER A 14 14.19 -14.32 -4.20
N LEU A 15 14.86 -15.35 -3.69
CA LEU A 15 16.32 -15.39 -3.70
C LEU A 15 16.82 -15.18 -5.11
N GLY A 16 17.83 -14.30 -5.26
CA GLY A 16 18.42 -14.05 -6.56
C GLY A 16 17.74 -12.92 -7.31
N ASP A 17 16.50 -12.63 -6.93
CA ASP A 17 15.79 -11.50 -7.55
C ASP A 17 16.29 -10.18 -7.00
N GLN A 18 15.84 -9.10 -7.62
CA GLN A 18 16.16 -7.78 -7.12
C GLN A 18 14.97 -7.26 -6.33
N ALA A 19 15.26 -6.42 -5.35
CA ALA A 19 14.21 -5.71 -4.64
C ALA A 19 14.55 -4.22 -4.68
N SER A 20 13.50 -3.40 -4.62
CA SER A 20 13.64 -1.96 -4.72
C SER A 20 12.77 -1.32 -3.65
N ILE A 21 13.36 -0.39 -2.89
CA ILE A 21 12.70 0.24 -1.77
C ILE A 21 12.70 1.76 -1.97
N SER A 22 11.55 2.41 -1.77
CA SER A 22 11.48 3.85 -1.94
C SER A 22 11.38 4.61 -0.64
N CYS A 23 12.04 5.75 -0.58
CA CYS A 23 11.56 6.77 0.34
C CYS A 23 11.66 8.17 -0.25
N ARG A 24 10.63 8.95 0.04
CA ARG A 24 10.48 10.27 -0.50
C ARG A 24 10.38 11.23 0.68
N SER A 25 10.99 12.40 0.56
CA SER A 25 11.02 13.34 1.65
C SER A 25 10.03 14.45 1.39
N SER A 26 9.61 15.12 2.46
CA SER A 26 8.61 16.18 2.35
C SER A 26 9.23 17.50 1.94
N GLN A 27 10.56 17.56 1.96
CA GLN A 27 11.30 18.67 1.38
C GLN A 27 12.65 18.23 0.86
N SER A 28 13.28 19.06 0.05
CA SER A 28 14.57 18.71 -0.51
C SER A 28 15.54 18.29 0.58
N LEU A 29 16.29 17.24 0.32
CA LEU A 29 17.32 16.77 1.25
C LEU A 29 18.66 17.38 0.84
N VAL A 30 18.66 18.17 -0.23
CA VAL A 30 19.89 18.80 -0.73
C VAL A 30 20.30 19.98 0.17
N HIS A 31 21.40 19.84 0.89
CA HIS A 31 21.87 20.91 1.77
C HIS A 31 22.42 22.07 0.96
N SER A 32 22.35 23.26 1.55
CA SER A 32 22.89 24.45 0.93
C SER A 32 24.39 24.35 0.75
N ASN A 33 25.03 23.40 1.43
CA ASN A 33 26.47 23.19 1.26
C ASN A 33 26.80 22.28 0.07
N GLY A 34 25.76 21.80 -0.62
CA GLY A 34 25.96 20.98 -1.79
C GLY A 34 25.86 19.48 -1.59
N ASN A 35 25.78 19.04 -0.33
CA ASN A 35 25.64 17.61 -0.04
C ASN A 35 24.20 17.18 0.20
N THR A 36 23.91 15.92 -0.10
CA THR A 36 22.61 15.34 0.15
C THR A 36 22.70 14.24 1.22
N TYR A 37 22.14 14.50 2.39
CA TYR A 37 22.34 13.62 3.55
C TYR A 37 21.21 12.60 3.73
N LEU A 38 21.16 11.62 2.83
CA LEU A 38 20.16 10.57 2.85
C LEU A 38 20.86 9.22 3.05
N HIS A 39 20.45 8.48 4.08
CA HIS A 39 21.16 7.27 4.47
C HIS A 39 20.25 6.05 4.49
N TRP A 40 20.85 4.87 4.29
CA TRP A 40 20.11 3.60 4.39
C TRP A 40 20.71 2.68 5.44
N TYR A 41 19.84 2.01 6.18
CA TYR A 41 20.25 1.10 7.24
C TYR A 41 19.57 -0.25 7.07
N LEU A 42 20.18 -1.29 7.63
CA LEU A 42 19.52 -2.58 7.74
C LEU A 42 19.55 -3.09 9.17
N GLN A 43 18.39 -3.45 9.68
CA GLN A 43 18.26 -4.04 11.01
C GLN A 43 17.82 -5.50 10.88
N LYS A 44 18.79 -6.39 10.95
CA LYS A 44 18.48 -7.82 10.94
C LYS A 44 17.79 -8.19 12.25
N PRO A 45 17.06 -9.32 12.25
CA PRO A 45 16.33 -9.75 13.45
C PRO A 45 17.22 -9.84 14.67
N GLY A 46 16.83 -9.18 15.76
CA GLY A 46 17.57 -9.26 17.00
C GLY A 46 18.85 -8.46 17.05
N GLN A 47 19.10 -7.69 15.99
CA GLN A 47 20.28 -6.83 15.94
C GLN A 47 19.89 -5.36 15.90
N SER A 48 20.86 -4.49 16.11
CA SER A 48 20.64 -3.05 16.00
C SER A 48 20.69 -2.68 14.52
N PRO A 49 20.13 -1.51 14.17
CA PRO A 49 20.32 -1.01 12.82
C PRO A 49 21.80 -0.95 12.47
N LYS A 50 22.12 -1.16 11.20
CA LYS A 50 23.48 -1.08 10.72
C LYS A 50 23.49 -0.23 9.45
N LEU A 51 24.44 0.70 9.37
CA LEU A 51 24.52 1.60 8.23
C LEU A 51 24.93 0.85 6.96
N LEU A 52 24.16 1.03 5.89
CA LEU A 52 24.51 0.44 4.60
C LEU A 52 25.14 1.49 3.71
N ILE A 53 24.43 2.60 3.55
CA ILE A 53 24.80 3.63 2.60
C ILE A 53 24.58 5.01 3.17
N TYR A 54 25.57 5.88 3.00
CA TYR A 54 25.41 7.27 3.41
C TYR A 54 25.49 8.24 2.23
N LYS A 55 24.88 9.42 2.40
CA LYS A 55 24.89 10.44 1.36
C LYS A 55 24.41 9.88 0.02
N VAL A 56 23.26 9.22 0.04
CA VAL A 56 22.59 8.74 -1.17
C VAL A 56 23.15 7.43 -1.71
N SER A 57 24.45 7.36 -1.99
CA SER A 57 24.99 6.26 -2.77
C SER A 57 26.33 5.70 -2.30
N ASN A 58 26.89 6.22 -1.21
CA ASN A 58 28.16 5.72 -0.72
C ASN A 58 27.99 4.52 0.20
N ARG A 59 28.42 3.35 -0.25
CA ARG A 59 28.39 2.16 0.58
C ARG A 59 29.36 2.35 1.72
N PHE A 60 28.91 2.08 2.95
CA PHE A 60 29.82 2.13 4.08
C PHE A 60 30.74 0.91 4.00
N SER A 61 31.85 0.95 4.74
CA SER A 61 32.80 -0.15 4.69
C SER A 61 32.13 -1.48 5.03
N GLY A 62 32.44 -2.51 4.26
CA GLY A 62 31.90 -3.85 4.50
C GLY A 62 30.66 -4.19 3.69
N VAL A 63 30.03 -3.18 3.10
CA VAL A 63 28.78 -3.40 2.40
C VAL A 63 28.97 -3.75 0.92
N PRO A 64 28.40 -4.89 0.49
CA PRO A 64 28.56 -5.43 -0.87
C PRO A 64 27.88 -4.53 -1.90
N ASP A 65 28.36 -4.51 -3.13
CA ASP A 65 27.75 -3.63 -4.13
C ASP A 65 26.46 -4.21 -4.73
N ARG A 66 25.91 -5.23 -4.08
CA ARG A 66 24.55 -5.68 -4.37
C ARG A 66 23.62 -4.57 -3.92
N PHE A 67 24.06 -3.84 -2.89
CA PHE A 67 23.27 -2.76 -2.32
C PHE A 67 23.69 -1.43 -2.94
N SER A 68 22.74 -0.73 -3.55
CA SER A 68 23.04 0.55 -4.18
C SER A 68 21.91 1.55 -3.99
N GLY A 69 22.28 2.78 -3.68
CA GLY A 69 21.31 3.85 -3.54
C GLY A 69 21.41 4.88 -4.66
N SER A 70 20.28 5.43 -5.06
CA SER A 70 20.24 6.46 -6.08
C SER A 70 19.17 7.49 -5.73
N GLY A 71 18.92 8.41 -6.65
CA GLY A 71 17.91 9.42 -6.46
C GLY A 71 18.50 10.78 -6.14
N SER A 72 17.64 11.79 -6.07
CA SER A 72 18.07 13.15 -5.78
C SER A 72 16.90 13.97 -5.26
N GLY A 73 17.21 15.08 -4.60
CA GLY A 73 16.20 15.99 -4.12
C GLY A 73 15.29 15.43 -3.04
N THR A 74 14.14 14.91 -3.47
CA THR A 74 13.13 14.39 -2.54
C THR A 74 12.79 12.92 -2.80
N ASP A 75 13.44 12.33 -3.80
CA ASP A 75 13.04 11.00 -4.26
C ASP A 75 14.22 10.02 -4.30
N PHE A 76 14.18 9.00 -3.44
CA PHE A 76 15.31 8.10 -3.30
C PHE A 76 14.94 6.62 -3.30
N THR A 77 15.90 5.79 -3.69
CA THR A 77 15.69 4.36 -3.88
C THR A 77 16.89 3.55 -3.44
N LEU A 78 16.63 2.47 -2.70
CA LEU A 78 17.64 1.47 -2.43
C LEU A 78 17.34 0.24 -3.28
N LYS A 79 18.34 -0.25 -4.00
CA LYS A 79 18.18 -1.46 -4.79
C LYS A 79 19.09 -2.56 -4.25
N ILE A 80 18.54 -3.77 -4.19
CA ILE A 80 19.29 -4.93 -3.76
C ILE A 80 19.16 -5.98 -4.85
N SER A 81 20.24 -6.21 -5.60
CA SER A 81 20.21 -7.22 -6.64
C SER A 81 20.63 -8.57 -6.08
N SER A 82 20.14 -9.65 -6.69
CA SER A 82 20.47 -11.00 -6.25
C SER A 82 20.32 -11.09 -4.74
N VAL A 83 19.10 -10.91 -4.25
CA VAL A 83 18.79 -10.99 -2.84
C VAL A 83 19.15 -12.37 -2.29
N GLU A 84 19.85 -12.37 -1.15
CA GLU A 84 20.06 -13.61 -0.41
C GLU A 84 19.34 -13.56 0.93
N ALA A 85 19.01 -14.74 1.47
CA ALA A 85 18.22 -14.83 2.69
C ALA A 85 18.79 -14.03 3.85
N GLU A 86 20.11 -13.97 3.96
CA GLU A 86 20.72 -13.17 5.01
C GLU A 86 20.41 -11.68 4.86
N ASP A 87 19.84 -11.30 3.72
CA ASP A 87 19.41 -9.93 3.45
C ASP A 87 18.14 -9.55 4.20
N LEU A 88 17.44 -10.55 4.73
CA LEU A 88 16.13 -10.30 5.33
C LEU A 88 16.23 -9.41 6.57
N GLY A 89 15.15 -8.69 6.85
CA GLY A 89 15.11 -7.78 7.99
C GLY A 89 14.43 -6.48 7.63
N VAL A 90 14.59 -5.46 8.48
CA VAL A 90 13.96 -4.18 8.24
C VAL A 90 14.94 -3.13 7.74
N TYR A 91 14.66 -2.58 6.57
CA TYR A 91 15.44 -1.49 6.01
C TYR A 91 14.84 -0.15 6.42
N PHE A 92 15.69 0.82 6.73
CA PHE A 92 15.22 2.16 7.03
C PHE A 92 16.02 3.17 6.20
N CYS A 93 15.33 4.19 5.68
CA CYS A 93 16.05 5.36 5.21
C CYS A 93 16.05 6.41 6.34
N SER A 94 16.95 7.37 6.24
CA SER A 94 17.08 8.44 7.21
C SER A 94 17.67 9.68 6.53
N GLN A 95 17.24 10.86 6.97
CA GLN A 95 17.88 12.08 6.50
C GLN A 95 18.42 12.89 7.67
N SER A 96 19.56 13.53 7.45
CA SER A 96 20.11 14.44 8.43
C SER A 96 20.59 15.75 7.80
N THR A 97 19.95 16.13 6.70
CA THR A 97 20.15 17.47 6.17
C THR A 97 19.54 18.45 7.14
N HIS A 98 18.35 18.09 7.63
CA HIS A 98 17.68 18.88 8.64
C HIS A 98 17.82 18.12 9.97
N VAL A 99 17.08 18.54 10.99
CA VAL A 99 16.99 17.75 12.21
C VAL A 99 16.66 16.31 11.79
N PRO A 100 17.44 15.33 12.27
CA PRO A 100 17.39 13.94 11.79
C PRO A 100 16.03 13.24 11.95
N THR A 101 15.58 12.58 10.88
CA THR A 101 14.34 11.81 10.88
C THR A 101 14.50 10.49 10.10
N PHE A 102 13.66 9.51 10.42
CA PHE A 102 13.73 8.18 9.81
C PHE A 102 12.45 7.82 9.08
N GLY A 103 12.57 6.98 8.05
CA GLY A 103 11.41 6.41 7.40
C GLY A 103 10.80 5.34 8.29
N GLY A 104 9.63 4.84 7.93
CA GLY A 104 8.93 3.87 8.75
C GLY A 104 9.47 2.46 8.70
N GLY A 105 10.37 2.19 7.76
CA GLY A 105 10.88 0.85 7.58
C GLY A 105 10.21 0.09 6.46
N THR A 106 10.97 -0.84 5.86
CA THR A 106 10.45 -1.76 4.86
C THR A 106 10.97 -3.13 5.26
N LYS A 107 10.07 -4.08 5.47
CA LYS A 107 10.51 -5.42 5.83
C LYS A 107 10.74 -6.28 4.61
N LEU A 108 11.99 -6.72 4.42
CA LEU A 108 12.32 -7.61 3.32
C LEU A 108 12.00 -9.04 3.76
N GLU A 109 11.13 -9.70 3.00
CA GLU A 109 10.76 -11.09 3.29
C GLU A 109 11.19 -12.01 2.17
N ILE A 110 11.78 -13.14 2.53
CA ILE A 110 12.28 -14.10 1.54
C ILE A 110 11.21 -15.09 1.11
N LYS A 111 10.96 -15.17 -0.19
CA LYS A 111 9.97 -16.12 -0.71
C LYS A 111 10.43 -17.56 -0.55
N ARG A 112 9.47 -18.43 -0.22
CA ARG A 112 9.74 -19.79 0.21
C ARG A 112 8.72 -20.70 -0.47
N ALA A 113 9.11 -21.95 -0.70
CA ALA A 113 8.19 -22.92 -1.28
C ALA A 113 6.78 -22.83 -0.67
N ASP A 114 6.68 -23.09 0.64
CA ASP A 114 5.37 -23.26 1.30
C ASP A 114 5.52 -24.46 2.22
N ALA A 115 5.31 -24.27 3.51
CA ALA A 115 5.55 -25.36 4.46
C ALA A 115 4.55 -25.40 5.60
N ALA A 116 4.05 -26.59 5.90
CA ALA A 116 3.11 -26.76 7.01
C ALA A 116 3.86 -26.78 8.33
N PRO A 117 3.22 -26.33 9.41
CA PRO A 117 3.84 -26.33 10.73
C PRO A 117 4.01 -27.73 11.30
N THR A 118 5.08 -27.94 12.05
CA THR A 118 5.17 -29.06 12.96
C THR A 118 4.58 -28.58 14.28
N VAL A 119 3.54 -29.25 14.74
CA VAL A 119 2.83 -28.80 15.94
C VAL A 119 3.19 -29.68 17.15
N SER A 120 3.31 -29.04 18.32
CA SER A 120 3.58 -29.74 19.58
C SER A 120 2.72 -29.16 20.70
N ILE A 121 2.05 -30.01 21.46
CA ILE A 121 1.27 -29.53 22.61
C ILE A 121 1.91 -29.96 23.94
N PHE A 122 1.79 -29.12 24.95
CA PHE A 122 2.39 -29.40 26.26
C PHE A 122 1.43 -29.08 27.40
N PRO A 123 1.07 -30.09 28.19
CA PRO A 123 0.29 -29.92 29.41
C PRO A 123 1.08 -29.06 30.41
N PRO A 124 0.39 -28.47 31.39
CA PRO A 124 1.06 -27.73 32.48
C PRO A 124 2.06 -28.61 33.20
N SER A 125 3.16 -28.00 33.66
CA SER A 125 4.16 -28.74 34.43
C SER A 125 3.67 -28.99 35.85
N SER A 126 4.13 -30.10 36.45
CA SER A 126 3.89 -30.38 37.86
C SER A 126 4.11 -29.11 38.67
N GLU A 127 5.19 -28.42 38.34
CA GLU A 127 5.63 -27.24 39.09
C GLU A 127 4.66 -26.06 39.05
N GLN A 128 4.08 -25.79 37.88
CA GLN A 128 3.10 -24.72 37.79
C GLN A 128 1.82 -25.15 38.50
N LEU A 129 1.40 -26.39 38.27
CA LEU A 129 0.19 -26.92 38.91
C LEU A 129 0.26 -26.79 40.43
N THR A 130 1.36 -27.25 41.03
CA THR A 130 1.51 -27.19 42.49
C THR A 130 1.67 -25.75 42.99
N SER A 131 1.90 -24.82 42.07
CA SER A 131 1.90 -23.41 42.43
C SER A 131 0.49 -22.88 42.21
N GLY A 132 -0.37 -23.74 41.68
CA GLY A 132 -1.78 -23.44 41.55
C GLY A 132 -2.13 -22.60 40.34
N GLY A 133 -1.53 -22.94 39.19
CA GLY A 133 -1.82 -22.27 37.94
C GLY A 133 -1.70 -23.25 36.80
N ALA A 134 -2.23 -22.89 35.63
CA ALA A 134 -2.24 -23.82 34.52
C ALA A 134 -2.10 -23.14 33.17
N SER A 135 -0.99 -23.41 32.50
CA SER A 135 -0.77 -22.95 31.13
C SER A 135 -0.59 -24.16 30.26
N VAL A 136 -1.24 -24.16 29.10
CA VAL A 136 -1.04 -25.20 28.12
C VAL A 136 -0.34 -24.57 26.93
N VAL A 137 0.65 -25.28 26.39
CA VAL A 137 1.50 -24.67 25.38
C VAL A 137 1.50 -25.43 24.06
N CYS A 138 1.46 -24.68 22.97
CA CYS A 138 1.49 -25.25 21.64
C CYS A 138 2.54 -24.53 20.78
N PHE A 139 3.44 -25.32 20.19
CA PHE A 139 4.45 -24.79 19.30
C PHE A 139 4.13 -25.13 17.86
N LEU A 140 4.16 -24.13 17.01
CA LEU A 140 3.97 -24.31 15.58
C LEU A 140 5.25 -23.89 14.86
N ASN A 141 6.04 -24.87 14.45
CA ASN A 141 7.41 -24.61 14.00
C ASN A 141 7.64 -24.76 12.50
N ASN A 142 8.44 -23.84 11.96
CA ASN A 142 8.91 -23.91 10.58
C ASN A 142 7.81 -23.99 9.52
N PHE A 143 6.92 -23.00 9.55
CA PHE A 143 5.90 -22.90 8.53
C PHE A 143 6.13 -21.71 7.60
N TYR A 144 5.47 -21.76 6.45
CA TYR A 144 5.45 -20.67 5.49
C TYR A 144 4.23 -20.86 4.60
N PRO A 145 3.52 -19.76 4.28
CA PRO A 145 3.85 -18.37 4.63
C PRO A 145 3.59 -18.05 6.10
N LYS A 146 3.55 -16.76 6.44
CA LYS A 146 3.60 -16.31 7.84
C LYS A 146 2.26 -16.37 8.58
N ASP A 147 1.16 -16.20 7.87
CA ASP A 147 -0.14 -16.20 8.53
C ASP A 147 -0.51 -17.61 8.95
N ILE A 148 -1.00 -17.72 10.18
CA ILE A 148 -1.47 -19.00 10.69
C ILE A 148 -2.52 -18.66 11.75
N ASN A 149 -3.47 -19.56 11.95
CA ASN A 149 -4.49 -19.35 12.96
C ASN A 149 -4.57 -20.53 13.92
N VAL A 150 -4.52 -20.22 15.22
CA VAL A 150 -4.54 -21.26 16.24
C VAL A 150 -5.84 -21.19 17.04
N LYS A 151 -6.54 -22.30 17.13
CA LYS A 151 -7.72 -22.41 17.97
C LYS A 151 -7.50 -23.40 19.09
N TRP A 152 -7.76 -22.95 20.32
CA TRP A 152 -7.76 -23.81 21.49
C TRP A 152 -9.15 -24.34 21.75
N LYS A 153 -9.25 -25.66 21.93
CA LYS A 153 -10.51 -26.28 22.32
C LYS A 153 -10.34 -27.06 23.61
N ILE A 154 -11.13 -26.74 24.61
CA ILE A 154 -11.15 -27.50 25.85
C ILE A 154 -12.40 -28.37 25.87
N ASP A 155 -12.22 -29.68 25.96
CA ASP A 155 -13.35 -30.59 25.91
C ASP A 155 -14.18 -30.33 24.67
N GLY A 156 -13.50 -30.09 23.54
CA GLY A 156 -14.16 -29.90 22.26
C GLY A 156 -14.67 -28.49 22.04
N SER A 157 -14.82 -27.74 23.13
CA SER A 157 -15.40 -26.40 23.07
C SER A 157 -14.33 -25.31 22.97
N GLU A 158 -14.50 -24.42 21.99
CA GLU A 158 -13.51 -23.37 21.74
C GLU A 158 -13.28 -22.50 22.97
N ARG A 159 -12.03 -22.11 23.20
CA ARG A 159 -11.67 -21.24 24.31
C ARG A 159 -10.74 -20.16 23.77
N GLN A 160 -11.20 -18.91 23.75
CA GLN A 160 -10.44 -17.88 23.06
C GLN A 160 -9.95 -16.71 23.93
N ASN A 161 -10.26 -16.73 25.22
CA ASN A 161 -9.67 -15.76 26.13
C ASN A 161 -8.53 -16.39 26.93
N GLY A 162 -7.54 -15.58 27.30
CA GLY A 162 -6.40 -16.06 28.05
C GLY A 162 -5.35 -16.72 27.19
N VAL A 163 -5.33 -16.37 25.91
CA VAL A 163 -4.36 -16.90 24.96
C VAL A 163 -3.30 -15.86 24.67
N LEU A 164 -2.03 -16.26 24.72
CA LEU A 164 -0.96 -15.36 24.31
C LEU A 164 -0.16 -15.97 23.17
N ASN A 165 -0.05 -15.23 22.07
CA ASN A 165 0.61 -15.70 20.87
C ASN A 165 1.86 -14.89 20.56
N SER A 166 2.86 -15.55 19.98
CA SER A 166 4.10 -14.89 19.64
C SER A 166 4.79 -15.56 18.46
N TRP A 167 5.09 -14.76 17.44
CA TRP A 167 5.73 -15.23 16.22
C TRP A 167 7.21 -14.84 16.26
N THR A 168 8.07 -15.69 15.73
CA THR A 168 9.45 -15.30 15.50
C THR A 168 9.49 -14.43 14.24
N ASP A 169 10.63 -13.78 14.02
CA ASP A 169 10.90 -13.15 12.74
C ASP A 169 11.22 -14.28 11.78
N GLN A 170 11.32 -13.97 10.50
CA GLN A 170 11.70 -14.99 9.54
C GLN A 170 13.12 -15.48 9.81
N ASP A 171 13.28 -16.79 9.80
CA ASP A 171 14.58 -17.40 10.04
C ASP A 171 15.35 -17.52 8.73
N SER A 172 16.44 -16.77 8.60
CA SER A 172 17.21 -16.77 7.35
C SER A 172 17.73 -18.15 6.96
N LYS A 173 17.87 -19.03 7.95
CA LYS A 173 18.39 -20.37 7.67
C LYS A 173 17.54 -21.15 6.67
N ASP A 174 16.22 -21.08 6.81
CA ASP A 174 15.33 -21.84 5.94
C ASP A 174 14.14 -21.02 5.44
N SER A 175 14.14 -19.73 5.80
CA SER A 175 13.08 -18.80 5.40
C SER A 175 11.72 -19.08 6.03
N THR A 176 11.65 -19.88 7.09
CA THR A 176 10.35 -20.14 7.72
C THR A 176 10.11 -19.30 8.97
N TYR A 177 8.88 -19.35 9.46
CA TYR A 177 8.52 -18.73 10.73
C TYR A 177 8.14 -19.79 11.75
N SER A 178 8.25 -19.44 13.02
CA SER A 178 7.66 -20.27 14.06
C SER A 178 6.78 -19.43 14.99
N MET A 179 5.93 -20.12 15.73
CA MET A 179 4.83 -19.48 16.41
C MET A 179 4.54 -20.24 17.70
N SER A 180 4.25 -19.52 18.76
CA SER A 180 3.95 -20.13 20.04
C SER A 180 2.64 -19.62 20.61
N SER A 181 1.85 -20.53 21.18
CA SER A 181 0.55 -20.20 21.71
C SER A 181 0.38 -20.76 23.12
N THR A 182 0.05 -19.88 24.06
CA THR A 182 -0.07 -20.28 25.46
C THR A 182 -1.45 -19.93 26.01
N LEU A 183 -2.22 -20.95 26.35
CA LEU A 183 -3.54 -20.76 26.96
C LEU A 183 -3.40 -20.89 28.47
N THR A 184 -3.79 -19.85 29.18
CA THR A 184 -3.64 -19.85 30.63
C THR A 184 -4.98 -19.91 31.35
N LEU A 185 -5.11 -20.86 32.27
CA LEU A 185 -6.32 -21.04 33.08
C LEU A 185 -5.93 -21.18 34.54
N THR A 186 -6.91 -21.07 35.42
CA THR A 186 -6.71 -21.38 36.83
C THR A 186 -6.48 -22.88 36.95
N LYS A 187 -5.75 -23.30 37.96
CA LYS A 187 -5.52 -24.74 38.16
C LYS A 187 -6.85 -25.49 38.27
N ASP A 188 -7.77 -24.91 39.05
CA ASP A 188 -9.06 -25.54 39.29
C ASP A 188 -9.88 -25.70 38.01
N GLU A 189 -9.81 -24.70 37.14
CA GLU A 189 -10.48 -24.76 35.84
C GLU A 189 -9.83 -25.83 34.97
N TYR A 190 -8.51 -25.90 35.02
CA TYR A 190 -7.78 -26.90 34.27
C TYR A 190 -8.16 -28.31 34.71
N GLU A 191 -8.29 -28.51 36.02
CA GLU A 191 -8.63 -29.82 36.55
C GLU A 191 -10.12 -30.15 36.45
N ARG A 192 -10.90 -29.19 35.97
CA ARG A 192 -12.33 -29.41 35.73
C ARG A 192 -12.61 -30.00 34.34
N HIS A 193 -11.59 -30.05 33.51
CA HIS A 193 -11.71 -30.57 32.15
C HIS A 193 -10.60 -31.58 31.91
N ASN A 194 -10.64 -32.27 30.78
CA ASN A 194 -9.57 -33.22 30.49
C ASN A 194 -9.09 -33.30 29.04
N SER A 195 -9.92 -32.84 28.11
CA SER A 195 -9.52 -32.79 26.71
C SER A 195 -8.98 -31.41 26.33
N TYR A 196 -7.72 -31.37 25.91
CA TYR A 196 -7.11 -30.11 25.48
C TYR A 196 -6.55 -30.18 24.09
N THR A 197 -6.99 -29.26 23.24
CA THR A 197 -6.71 -29.35 21.82
C THR A 197 -6.19 -28.04 21.25
N CYS A 198 -5.11 -28.17 20.50
CA CYS A 198 -4.52 -27.06 19.78
C CYS A 198 -4.71 -27.33 18.30
N GLU A 199 -5.50 -26.47 17.64
CA GLU A 199 -5.78 -26.65 16.22
C GLU A 199 -5.17 -25.54 15.39
N ALA A 200 -4.32 -25.92 14.44
CA ALA A 200 -3.63 -24.96 13.59
C ALA A 200 -4.12 -24.99 12.15
N THR A 201 -4.69 -23.87 11.71
CA THR A 201 -5.14 -23.73 10.33
C THR A 201 -4.14 -22.87 9.54
N HIS A 202 -3.68 -23.41 8.42
CA HIS A 202 -2.63 -22.77 7.63
C HIS A 202 -2.91 -22.98 6.13
N LYS A 203 -2.48 -22.04 5.31
CA LYS A 203 -2.63 -22.12 3.85
C LYS A 203 -2.41 -23.54 3.34
N THR A 204 -1.41 -24.23 3.86
CA THR A 204 -0.99 -25.51 3.29
C THR A 204 -2.02 -26.64 3.29
N SER A 205 -3.09 -26.50 4.07
CA SER A 205 -4.19 -27.48 4.02
C SER A 205 -5.54 -26.90 4.46
N THR A 206 -6.61 -27.48 3.93
CA THR A 206 -7.95 -27.03 4.28
C THR A 206 -8.41 -27.61 5.62
N SER A 207 -7.75 -28.69 6.04
CA SER A 207 -8.04 -29.26 7.36
C SER A 207 -6.92 -28.94 8.33
N PRO A 208 -7.29 -28.42 9.51
CA PRO A 208 -6.35 -27.97 10.53
C PRO A 208 -5.45 -29.10 10.98
N ILE A 209 -4.21 -28.78 11.35
CA ILE A 209 -3.37 -29.75 12.01
C ILE A 209 -3.80 -29.75 13.46
N VAL A 210 -3.94 -30.94 14.03
CA VAL A 210 -4.54 -31.05 15.35
C VAL A 210 -3.67 -31.88 16.28
N LYS A 211 -3.35 -31.31 17.43
CA LYS A 211 -2.66 -32.00 18.49
C LYS A 211 -3.49 -31.88 19.75
N SER A 212 -3.50 -32.92 20.55
CA SER A 212 -4.32 -32.94 21.76
C SER A 212 -3.70 -33.80 22.84
N PHE A 213 -4.13 -33.56 24.07
CA PHE A 213 -3.93 -34.53 25.14
C PHE A 213 -5.18 -34.63 26.00
N ASN A 214 -5.18 -35.61 26.89
CA ASN A 214 -6.31 -35.89 27.76
C ASN A 214 -5.78 -36.10 29.16
N ARG A 215 -6.29 -35.35 30.13
CA ARG A 215 -5.81 -35.49 31.49
C ARG A 215 -6.08 -36.91 32.02
N GLU A 216 -7.15 -37.52 31.56
CA GLU A 216 -7.48 -38.89 31.95
C GLU A 216 -6.49 -39.87 31.30
N GLN B 1 38.87 -3.16 15.63
CA GLN B 1 37.50 -3.51 16.00
C GLN B 1 36.81 -2.32 16.66
N VAL B 2 35.88 -1.68 15.95
CA VAL B 2 35.07 -0.64 16.59
C VAL B 2 34.03 -1.28 17.50
N GLN B 3 33.93 -0.81 18.73
CA GLN B 3 32.86 -1.28 19.61
C GLN B 3 32.16 -0.12 20.35
N LEU B 4 30.84 -0.25 20.44
CA LEU B 4 30.00 0.66 21.19
C LEU B 4 29.12 -0.21 22.07
N GLN B 5 29.16 0.03 23.38
CA GLN B 5 28.46 -0.82 24.33
C GLN B 5 27.64 0.04 25.30
N GLN B 6 26.32 -0.08 25.24
CA GLN B 6 25.45 0.70 26.11
C GLN B 6 25.21 -0.02 27.43
N SER B 7 25.15 0.72 28.54
CA SER B 7 24.71 0.16 29.80
C SER B 7 23.85 1.16 30.60
N GLY B 8 23.13 0.66 31.59
CA GLY B 8 22.46 1.54 32.54
C GLY B 8 20.93 1.64 32.50
N GLY B 9 20.29 1.02 31.53
CA GLY B 9 18.84 1.13 31.40
C GLY B 9 18.08 0.28 32.40
N GLY B 10 16.77 0.14 32.17
CA GLY B 10 15.93 -0.66 33.04
C GLY B 10 14.63 0.04 33.32
N LEU B 11 14.01 -0.33 34.43
CA LEU B 11 12.71 0.20 34.81
C LEU B 11 12.85 1.44 35.68
N VAL B 12 12.05 2.46 35.39
CA VAL B 12 11.91 3.62 36.25
C VAL B 12 10.46 4.03 36.21
N GLN B 13 10.00 4.68 37.27
CA GLN B 13 8.63 5.15 37.34
C GLN B 13 8.48 6.44 36.57
N PRO B 14 7.28 6.67 36.03
CA PRO B 14 7.01 7.92 35.33
C PRO B 14 7.40 9.07 36.25
N GLY B 15 7.95 10.15 35.68
CA GLY B 15 8.43 11.25 36.49
C GLY B 15 9.84 11.02 37.03
N GLY B 16 10.34 9.80 36.87
CA GLY B 16 11.66 9.44 37.37
C GLY B 16 12.83 9.87 36.52
N SER B 17 14.05 9.64 37.02
CA SER B 17 15.28 9.96 36.31
C SER B 17 16.09 8.70 36.05
N MET B 18 16.91 8.74 35.01
CA MET B 18 17.83 7.66 34.69
C MET B 18 18.99 8.16 33.84
N LYS B 19 20.17 7.60 34.07
CA LYS B 19 21.32 7.92 33.22
C LYS B 19 21.74 6.65 32.49
N ILE B 20 21.91 6.75 31.18
CA ILE B 20 22.48 5.63 30.44
C ILE B 20 23.83 6.02 29.87
N PHE B 21 24.64 5.01 29.57
CA PHE B 21 26.04 5.24 29.25
C PHE B 21 26.39 4.54 27.97
N CYS B 22 27.40 5.08 27.28
CA CYS B 22 27.96 4.38 26.15
C CYS B 22 29.47 4.32 26.28
N ALA B 23 30.02 3.14 26.12
CA ALA B 23 31.47 3.00 26.15
C ALA B 23 31.98 2.46 24.82
N ALA B 24 33.07 3.06 24.34
CA ALA B 24 33.58 2.74 23.03
C ALA B 24 35.05 2.35 23.08
N SER B 25 35.47 1.66 22.03
CA SER B 25 36.87 1.31 21.82
C SER B 25 37.04 1.07 20.33
N GLY B 26 38.29 1.04 19.85
CA GLY B 26 38.57 0.70 18.48
C GLY B 26 38.67 1.91 17.57
N PHE B 27 38.55 3.11 18.13
CA PHE B 27 38.68 4.33 17.33
C PHE B 27 39.00 5.57 18.16
N THR B 28 39.39 6.64 17.48
CA THR B 28 39.70 7.90 18.14
C THR B 28 38.41 8.61 18.53
N PHE B 29 37.98 8.39 19.77
CA PHE B 29 36.69 8.88 20.23
C PHE B 29 36.50 10.37 19.98
N SER B 30 37.56 11.15 20.23
CA SER B 30 37.49 12.61 20.08
C SER B 30 37.13 13.06 18.65
N ASP B 31 37.38 12.20 17.66
CA ASP B 31 37.06 12.52 16.26
C ASP B 31 35.61 12.20 15.88
N ALA B 32 34.92 11.46 16.73
CA ALA B 32 33.62 10.92 16.33
C ALA B 32 32.42 11.79 16.71
N TRP B 33 31.49 11.88 15.76
CA TRP B 33 30.19 12.53 15.95
C TRP B 33 29.28 11.47 16.54
N MET B 34 28.73 11.72 17.72
CA MET B 34 27.93 10.71 18.42
C MET B 34 26.46 11.09 18.49
N ASP B 35 25.61 10.06 18.46
CA ASP B 35 24.17 10.23 18.62
C ASP B 35 23.59 9.17 19.56
N TRP B 36 22.53 9.55 20.26
CA TRP B 36 21.62 8.57 20.85
C TRP B 36 20.38 8.47 19.96
N VAL B 37 19.97 7.24 19.67
CA VAL B 37 18.78 6.98 18.87
C VAL B 37 17.94 5.90 19.52
N ARG B 38 16.65 6.16 19.69
CA ARG B 38 15.77 5.18 20.34
C ARG B 38 14.79 4.52 19.38
N GLN B 39 14.30 3.35 19.77
CA GLN B 39 13.36 2.58 18.97
C GLN B 39 12.24 2.04 19.85
N SER B 40 11.01 2.15 19.36
CA SER B 40 9.83 1.63 20.06
C SER B 40 8.78 1.23 19.04
N PRO B 41 7.90 0.29 19.41
CA PRO B 41 6.80 -0.19 18.57
C PRO B 41 6.01 0.97 17.98
N GLU B 42 5.61 1.91 18.82
CA GLU B 42 5.06 3.16 18.38
C GLU B 42 6.24 4.05 17.99
N LYS B 43 6.07 4.89 16.98
CA LYS B 43 7.12 5.85 16.60
C LYS B 43 8.33 5.26 15.85
N GLY B 44 8.64 3.99 16.04
CA GLY B 44 9.78 3.39 15.35
C GLY B 44 11.11 3.98 15.80
N LEU B 45 11.97 4.32 14.84
CA LEU B 45 13.25 4.95 15.16
C LEU B 45 13.12 6.46 15.29
N GLU B 46 13.53 7.03 16.43
CA GLU B 46 13.65 8.48 16.52
C GLU B 46 15.03 8.89 17.03
N TRP B 47 15.58 9.91 16.39
CA TRP B 47 16.77 10.55 16.88
C TRP B 47 16.45 11.26 18.20
N VAL B 48 17.35 11.17 19.17
CA VAL B 48 17.08 11.70 20.49
C VAL B 48 17.99 12.87 20.81
N ALA B 49 19.28 12.72 20.56
CA ALA B 49 20.24 13.77 20.87
C ALA B 49 21.58 13.51 20.21
N GLU B 50 22.40 14.54 20.14
CA GLU B 50 23.70 14.41 19.51
C GLU B 50 24.75 15.23 20.24
N ILE B 51 25.99 14.82 20.10
CA ILE B 51 27.10 15.61 20.60
C ILE B 51 28.26 15.50 19.64
N ARG B 52 28.77 16.66 19.23
CA ARG B 52 29.72 16.73 18.15
C ARG B 52 31.16 16.55 18.63
N ASN B 53 32.04 16.32 17.65
CA ASN B 53 33.50 16.32 17.79
C ASN B 53 34.14 17.23 18.84
N LYS B 54 35.38 16.91 19.20
CA LYS B 54 36.21 17.88 19.91
C LYS B 54 36.44 19.09 19.00
N ALA B 55 36.79 18.83 17.74
CA ALA B 55 37.00 19.92 16.78
C ALA B 55 35.82 20.90 16.76
N ASN B 56 34.61 20.39 16.94
CA ASN B 56 33.41 21.21 16.99
C ASN B 56 32.98 21.54 18.43
N ASN B 57 33.93 21.49 19.36
CA ASN B 57 33.68 21.83 20.75
C ASN B 57 32.50 21.12 21.39
N HIS B 58 32.36 19.84 21.10
CA HIS B 58 31.34 19.01 21.76
C HIS B 58 29.94 19.66 21.74
N GLU B 59 29.61 20.36 20.66
CA GLU B 59 28.30 20.99 20.55
C GLU B 59 27.19 19.94 20.61
N THR B 60 26.10 20.27 21.29
CA THR B 60 25.03 19.31 21.54
C THR B 60 23.68 19.79 21.02
N TYR B 61 22.83 18.83 20.67
CA TYR B 61 21.50 19.10 20.17
C TYR B 61 20.54 17.99 20.60
N TYR B 62 19.28 18.36 20.78
CA TYR B 62 18.28 17.45 21.29
C TYR B 62 17.03 17.44 20.42
N ALA B 63 16.41 16.28 20.29
CA ALA B 63 15.09 16.21 19.71
C ALA B 63 14.14 17.09 20.52
N GLU B 64 13.14 17.64 19.84
CA GLU B 64 12.17 18.56 20.42
C GLU B 64 11.45 17.98 21.64
N SER B 65 11.16 16.68 21.57
CA SER B 65 10.37 16.03 22.61
C SER B 65 11.14 15.73 23.89
N VAL B 66 12.46 15.95 23.88
CA VAL B 66 13.28 15.67 25.05
C VAL B 66 14.08 16.89 25.51
N LYS B 67 14.02 17.94 24.71
CA LYS B 67 14.74 19.17 24.99
C LYS B 67 14.38 19.73 26.37
N GLY B 68 15.39 19.83 27.23
CA GLY B 68 15.18 20.34 28.58
C GLY B 68 15.17 19.24 29.63
N ARG B 69 14.80 18.03 29.23
CA ARG B 69 14.74 16.89 30.15
C ARG B 69 15.97 15.98 30.02
N PHE B 70 16.58 15.99 28.86
CA PHE B 70 17.74 15.14 28.60
C PHE B 70 18.99 15.98 28.54
N THR B 71 20.10 15.40 28.95
CA THR B 71 21.38 16.07 28.87
C THR B 71 22.38 15.06 28.36
N ILE B 72 22.99 15.37 27.22
CA ILE B 72 24.02 14.49 26.66
C ILE B 72 25.40 15.06 26.93
N THR B 73 26.34 14.16 27.21
CA THR B 73 27.64 14.56 27.70
C THR B 73 28.64 13.52 27.20
N ARG B 74 29.91 13.89 27.08
CA ARG B 74 30.95 12.94 26.68
C ARG B 74 32.28 13.18 27.40
N ASP B 75 33.12 12.16 27.41
CA ASP B 75 34.47 12.25 27.97
C ASP B 75 35.40 11.56 26.99
N ASP B 76 36.09 12.35 26.18
CA ASP B 76 36.95 11.80 25.14
C ASP B 76 38.12 11.01 25.74
N SER B 77 38.61 11.44 26.90
CA SER B 77 39.73 10.73 27.53
C SER B 77 39.34 9.32 27.94
N LYS B 78 38.04 9.10 28.20
CA LYS B 78 37.56 7.78 28.64
C LYS B 78 36.82 7.00 27.53
N SER B 79 36.75 7.58 26.34
CA SER B 79 35.97 7.02 25.23
C SER B 79 34.55 6.68 25.67
N ARG B 80 33.89 7.67 26.26
CA ARG B 80 32.59 7.46 26.88
C ARG B 80 31.68 8.65 26.63
N MET B 81 30.39 8.38 26.48
CA MET B 81 29.39 9.43 26.55
C MET B 81 28.22 8.93 27.36
N SER B 82 27.32 9.83 27.73
CA SER B 82 26.17 9.44 28.52
C SER B 82 25.00 10.34 28.22
N LEU B 83 23.83 9.89 28.65
CA LEU B 83 22.60 10.64 28.48
C LEU B 83 21.86 10.62 29.81
N GLN B 84 21.72 11.79 30.43
CA GLN B 84 20.94 11.93 31.65
C GLN B 84 19.52 12.31 31.27
N MET B 85 18.55 11.52 31.73
CA MET B 85 17.15 11.74 31.38
C MET B 85 16.29 11.95 32.62
N ASN B 86 15.62 13.09 32.67
CA ASN B 86 14.75 13.41 33.81
C ASN B 86 13.28 13.53 33.38
N SER B 87 12.38 13.54 34.35
CA SER B 87 10.94 13.57 34.07
C SER B 87 10.58 12.61 32.94
N LEU B 88 11.07 11.37 33.05
CA LEU B 88 10.75 10.34 32.07
C LEU B 88 9.24 10.08 32.05
N ARG B 89 8.73 9.77 30.87
CA ARG B 89 7.34 9.40 30.71
C ARG B 89 7.21 8.15 29.86
N ALA B 90 6.02 7.55 29.86
CA ALA B 90 5.75 6.31 29.14
C ALA B 90 6.24 6.35 27.70
N GLU B 91 6.13 7.52 27.07
CA GLU B 91 6.52 7.64 25.68
C GLU B 91 8.04 7.69 25.48
N ASP B 92 8.81 7.76 26.58
CA ASP B 92 10.27 7.68 26.49
C ASP B 92 10.74 6.21 26.50
N THR B 93 9.81 5.30 26.76
CA THR B 93 10.11 3.87 26.78
C THR B 93 10.58 3.41 25.40
N GLY B 94 11.64 2.60 25.37
CA GLY B 94 12.13 2.04 24.12
C GLY B 94 13.54 1.50 24.22
N ILE B 95 14.10 1.08 23.09
CA ILE B 95 15.50 0.70 23.05
C ILE B 95 16.32 1.92 22.66
N TYR B 96 17.32 2.23 23.48
CA TYR B 96 18.20 3.35 23.22
C TYR B 96 19.54 2.86 22.69
N TYR B 97 19.93 3.36 21.53
CA TYR B 97 21.19 2.97 20.89
C TYR B 97 22.21 4.08 20.98
N CYS B 98 23.45 3.68 21.27
CA CYS B 98 24.59 4.56 21.14
C CYS B 98 25.08 4.39 19.70
N SER B 99 25.36 5.51 19.04
CA SER B 99 25.73 5.45 17.63
C SER B 99 26.72 6.54 17.29
N GLY B 100 27.68 6.23 16.42
CA GLY B 100 28.57 7.26 15.96
C GLY B 100 29.68 6.85 15.01
N GLY B 101 30.54 7.81 14.73
CA GLY B 101 31.70 7.60 13.89
C GLY B 101 32.18 8.92 13.33
N LYS B 102 33.19 8.88 12.47
CA LYS B 102 33.55 10.04 11.69
C LYS B 102 32.45 10.25 10.66
N VAL B 103 31.81 9.17 10.26
CA VAL B 103 30.77 9.26 9.23
C VAL B 103 29.38 9.58 9.80
N ARG B 104 29.21 9.39 11.10
CA ARG B 104 27.93 9.64 11.75
C ARG B 104 26.97 8.49 11.51
N ASN B 105 26.55 7.86 12.61
CA ASN B 105 25.69 6.69 12.56
C ASN B 105 26.38 5.56 11.81
N ALA B 106 27.70 5.62 11.75
CA ALA B 106 28.50 4.58 11.11
C ALA B 106 28.44 3.30 11.90
N TYR B 107 28.53 3.41 13.23
CA TYR B 107 28.44 2.24 14.09
C TYR B 107 27.33 2.39 15.14
N TRP B 108 26.77 1.26 15.54
CA TRP B 108 25.66 1.20 16.47
C TRP B 108 25.93 0.10 17.49
N GLY B 109 25.70 0.40 18.77
CA GLY B 109 25.77 -0.62 19.79
C GLY B 109 24.55 -1.53 19.76
N GLN B 110 24.53 -2.50 20.68
CA GLN B 110 23.43 -3.46 20.80
C GLN B 110 22.19 -2.78 21.38
N GLY B 111 22.40 -1.63 22.04
CA GLY B 111 21.31 -0.89 22.63
C GLY B 111 21.04 -1.27 24.07
N THR B 112 20.30 -0.41 24.75
CA THR B 112 19.88 -0.72 26.10
C THR B 112 18.44 -0.27 26.29
N THR B 113 17.73 -0.98 27.16
CA THR B 113 16.31 -0.80 27.28
C THR B 113 15.97 0.19 28.35
N VAL B 114 15.10 1.12 28.03
CA VAL B 114 14.60 2.06 29.00
C VAL B 114 13.11 1.83 29.13
N THR B 115 12.68 1.28 30.26
CA THR B 115 11.26 1.07 30.44
C THR B 115 10.68 1.94 31.54
N VAL B 116 9.78 2.82 31.13
CA VAL B 116 9.11 3.66 32.10
C VAL B 116 7.66 3.22 32.40
N SER B 117 7.62 2.01 32.97
CA SER B 117 7.05 1.72 34.29
C SER B 117 5.63 1.38 34.69
N SER B 118 5.23 2.16 35.70
CA SER B 118 4.40 1.81 36.86
C SER B 118 4.46 0.40 37.45
N LYS B 119 4.54 -0.60 36.58
CA LYS B 119 4.45 -1.99 37.00
C LYS B 119 5.61 -2.37 37.92
N THR B 120 5.41 -3.41 38.73
CA THR B 120 6.42 -3.81 39.70
C THR B 120 7.28 -4.95 39.17
N THR B 121 8.58 -4.80 39.35
CA THR B 121 9.50 -5.83 38.89
C THR B 121 9.15 -7.16 39.54
N THR B 122 9.16 -8.23 38.74
CA THR B 122 8.71 -9.53 39.19
C THR B 122 9.59 -10.64 38.61
N ALA B 123 10.03 -11.55 39.47
CA ALA B 123 10.81 -12.70 39.04
C ALA B 123 9.92 -13.66 38.28
N PRO B 124 10.46 -14.29 37.24
CA PRO B 124 9.67 -15.26 36.45
C PRO B 124 9.57 -16.58 37.19
N SER B 125 8.53 -17.35 36.87
CA SER B 125 8.56 -18.78 37.14
C SER B 125 9.02 -19.42 35.84
N VAL B 126 9.91 -20.38 35.94
CA VAL B 126 10.39 -21.13 34.77
C VAL B 126 9.87 -22.56 34.88
N TYR B 127 9.08 -23.00 33.90
CA TYR B 127 8.55 -24.37 33.92
C TYR B 127 9.09 -25.20 32.75
N PRO B 128 9.42 -26.47 33.02
CA PRO B 128 9.94 -27.29 31.91
C PRO B 128 8.78 -27.86 31.12
N LEU B 129 8.95 -28.03 29.81
CA LEU B 129 7.92 -28.66 29.01
C LEU B 129 8.41 -29.96 28.40
N ALA B 130 8.05 -31.06 29.03
CA ALA B 130 8.36 -32.39 28.52
C ALA B 130 7.22 -32.83 27.61
N PRO B 131 7.55 -33.57 26.54
CA PRO B 131 6.53 -34.01 25.58
C PRO B 131 5.45 -34.83 26.26
N VAL B 132 4.29 -34.92 25.62
CA VAL B 132 3.20 -35.73 26.16
C VAL B 132 3.64 -37.19 26.29
N SER B 140 12.99 -35.36 15.64
CA SER B 140 12.03 -36.26 16.25
C SER B 140 11.31 -35.58 17.42
N VAL B 141 11.88 -35.71 18.62
CA VAL B 141 11.26 -35.20 19.84
C VAL B 141 11.47 -33.69 20.01
N THR B 142 10.45 -33.01 20.55
CA THR B 142 10.51 -31.56 20.79
C THR B 142 10.23 -31.23 22.26
N LEU B 143 11.11 -30.40 22.84
CA LEU B 143 10.97 -29.98 24.23
C LEU B 143 10.66 -28.50 24.30
N GLY B 144 10.27 -28.03 25.49
CA GLY B 144 9.94 -26.64 25.66
C GLY B 144 10.40 -26.07 26.99
N CYS B 145 10.34 -24.76 27.08
CA CYS B 145 10.61 -24.06 28.32
C CYS B 145 9.68 -22.86 28.35
N LEU B 146 9.01 -22.68 29.48
CA LEU B 146 8.02 -21.63 29.60
C LEU B 146 8.41 -20.67 30.71
N VAL B 147 8.54 -19.40 30.36
CA VAL B 147 9.01 -18.39 31.30
C VAL B 147 7.91 -17.38 31.54
N LYS B 148 7.23 -17.52 32.67
CA LYS B 148 5.96 -16.84 32.87
C LYS B 148 5.93 -15.88 34.05
N GLY B 149 5.27 -14.73 33.84
CA GLY B 149 4.98 -13.79 34.91
C GLY B 149 6.13 -12.93 35.38
N TYR B 150 6.85 -12.29 34.45
CA TYR B 150 8.00 -11.47 34.84
C TYR B 150 7.92 -10.04 34.34
N PHE B 151 8.78 -9.18 34.90
CA PHE B 151 8.81 -7.77 34.55
C PHE B 151 10.00 -7.14 35.25
N PRO B 152 10.70 -6.23 34.55
CA PRO B 152 10.46 -5.88 33.14
C PRO B 152 11.27 -6.79 32.22
N GLU B 153 11.33 -6.46 30.94
CA GLU B 153 12.25 -7.12 30.02
C GLU B 153 13.65 -6.64 30.39
N PRO B 154 14.68 -7.43 30.03
CA PRO B 154 14.60 -8.69 29.30
C PRO B 154 14.96 -9.90 30.16
N VAL B 155 14.70 -11.08 29.62
CA VAL B 155 15.29 -12.29 30.13
C VAL B 155 16.17 -12.85 29.05
N THR B 156 17.15 -13.66 29.45
CA THR B 156 17.95 -14.39 28.49
C THR B 156 17.63 -15.86 28.71
N LEU B 157 17.37 -16.57 27.63
CA LEU B 157 17.08 -17.99 27.72
C LEU B 157 18.03 -18.76 26.83
N THR B 158 18.61 -19.81 27.37
CA THR B 158 19.52 -20.63 26.60
C THR B 158 19.19 -22.11 26.86
N TRP B 159 19.63 -22.98 25.96
CA TRP B 159 19.55 -24.43 26.20
C TRP B 159 20.96 -24.99 26.30
N ASN B 160 21.19 -25.82 27.31
CA ASN B 160 22.53 -26.34 27.64
C ASN B 160 23.62 -25.26 27.59
N SER B 161 23.30 -24.10 28.15
CA SER B 161 24.25 -22.99 28.23
C SER B 161 24.65 -22.47 26.86
N GLY B 162 23.75 -22.60 25.90
CA GLY B 162 23.96 -22.07 24.56
C GLY B 162 24.60 -23.07 23.62
N SER B 163 25.06 -24.19 24.17
CA SER B 163 25.68 -25.24 23.36
C SER B 163 24.67 -25.89 22.43
N LEU B 164 23.41 -25.90 22.85
CA LEU B 164 22.34 -26.43 22.03
C LEU B 164 21.62 -25.26 21.37
N SER B 165 21.89 -25.06 20.08
CA SER B 165 21.30 -23.93 19.36
C SER B 165 20.67 -24.40 18.06
N SER B 166 21.16 -25.51 17.55
CA SER B 166 20.55 -26.13 16.39
C SER B 166 19.17 -26.60 16.80
N GLY B 167 18.15 -26.11 16.10
CA GLY B 167 16.78 -26.56 16.29
C GLY B 167 16.06 -25.84 17.39
N VAL B 168 16.56 -24.66 17.78
CA VAL B 168 15.95 -23.88 18.84
C VAL B 168 15.13 -22.74 18.26
N HIS B 169 13.93 -22.55 18.81
CA HIS B 169 13.14 -21.38 18.48
C HIS B 169 12.74 -20.70 19.76
N THR B 170 13.29 -19.50 19.98
CA THR B 170 12.92 -18.73 21.14
C THR B 170 12.01 -17.59 20.70
N PHE B 171 10.86 -17.50 21.35
CA PHE B 171 9.81 -16.60 20.91
C PHE B 171 9.81 -15.31 21.73
N PRO B 172 9.52 -14.18 21.10
CA PRO B 172 9.58 -12.88 21.77
C PRO B 172 8.60 -12.77 22.92
N ALA B 173 9.07 -12.16 24.01
CA ALA B 173 8.22 -11.89 25.15
C ALA B 173 6.96 -11.14 24.72
N VAL B 174 5.82 -11.55 25.25
CA VAL B 174 4.56 -10.86 25.04
C VAL B 174 4.01 -10.39 26.38
N LEU B 175 3.45 -9.19 26.41
CA LEU B 175 2.98 -8.60 27.65
C LEU B 175 1.46 -8.63 27.81
N GLN B 176 0.97 -9.32 28.83
CA GLN B 176 -0.43 -9.18 29.22
C GLN B 176 -0.55 -8.72 30.67
N SER B 177 -1.15 -7.56 30.86
CA SER B 177 -1.50 -7.08 32.20
C SER B 177 -0.27 -6.93 33.11
N ASP B 178 0.73 -6.22 32.61
CA ASP B 178 1.92 -5.88 33.41
C ASP B 178 2.91 -7.02 33.59
N LEU B 179 2.61 -8.18 33.03
CA LEU B 179 3.51 -9.32 33.12
C LEU B 179 3.86 -9.87 31.74
N TYR B 180 5.13 -10.23 31.55
CA TYR B 180 5.57 -10.86 30.32
C TYR B 180 5.57 -12.36 30.46
N THR B 181 5.34 -13.05 29.36
CA THR B 181 5.72 -14.45 29.28
C THR B 181 6.47 -14.68 27.98
N LEU B 182 7.44 -15.58 28.01
CA LEU B 182 8.04 -16.02 26.77
C LEU B 182 8.30 -17.51 26.86
N SER B 183 8.70 -18.11 25.75
CA SER B 183 8.87 -19.54 25.71
C SER B 183 9.86 -19.89 24.64
N SER B 184 10.36 -21.12 24.72
CA SER B 184 11.35 -21.59 23.77
C SER B 184 11.13 -23.06 23.53
N SER B 185 11.34 -23.49 22.29
CA SER B 185 11.27 -24.91 21.99
C SER B 185 12.62 -25.37 21.45
N VAL B 186 12.95 -26.62 21.72
CA VAL B 186 14.14 -27.22 21.13
C VAL B 186 13.77 -28.58 20.54
N THR B 187 14.10 -28.78 19.28
CA THR B 187 13.77 -30.04 18.61
C THR B 187 15.05 -30.82 18.30
N VAL B 188 15.09 -32.07 18.77
CA VAL B 188 16.26 -32.93 18.65
C VAL B 188 15.87 -34.33 18.19
N THR B 189 16.85 -35.15 17.83
CA THR B 189 16.58 -36.54 17.42
C THR B 189 16.29 -37.44 18.61
N SER B 190 15.56 -38.53 18.34
CA SER B 190 15.08 -39.44 19.39
C SER B 190 16.18 -40.07 20.24
N SER B 191 17.31 -40.40 19.64
CA SER B 191 18.39 -41.04 20.39
C SER B 191 19.23 -39.99 21.11
N THR B 192 18.72 -38.77 21.18
CA THR B 192 19.42 -37.69 21.86
C THR B 192 18.89 -37.53 23.29
N TRP B 193 17.58 -37.42 23.42
CA TRP B 193 16.93 -37.24 24.72
C TRP B 193 15.90 -38.35 24.91
N PRO B 194 15.74 -38.84 26.14
CA PRO B 194 16.31 -38.39 27.43
C PRO B 194 17.65 -39.02 27.83
N SER B 195 18.39 -39.61 26.89
CA SER B 195 19.70 -40.16 27.26
C SER B 195 20.67 -39.03 27.53
N GLN B 196 20.62 -38.00 26.71
CA GLN B 196 21.39 -36.78 26.93
C GLN B 196 20.53 -35.78 27.68
N SER B 197 21.06 -35.23 28.77
CA SER B 197 20.31 -34.25 29.54
C SER B 197 20.13 -32.99 28.72
N ILE B 198 18.93 -32.42 28.76
CA ILE B 198 18.66 -31.15 28.11
C ILE B 198 18.02 -30.22 29.11
N THR B 199 18.66 -29.08 29.37
CA THR B 199 18.09 -28.13 30.32
C THR B 199 18.03 -26.68 29.85
N CYS B 200 17.09 -25.96 30.45
CA CYS B 200 16.74 -24.61 30.06
C CYS B 200 17.34 -23.61 31.05
N ASN B 201 18.21 -22.72 30.59
CA ASN B 201 18.78 -21.72 31.49
C ASN B 201 18.15 -20.35 31.30
N VAL B 202 17.50 -19.84 32.35
CA VAL B 202 16.93 -18.51 32.29
C VAL B 202 17.53 -17.52 33.28
N ALA B 203 17.82 -16.33 32.80
CA ALA B 203 18.30 -15.24 33.64
C ALA B 203 17.38 -14.03 33.49
N HIS B 204 16.90 -13.51 34.62
CA HIS B 204 16.15 -12.27 34.65
C HIS B 204 16.91 -11.30 35.54
N PRO B 205 17.91 -10.60 34.95
CA PRO B 205 18.78 -9.69 35.70
C PRO B 205 18.01 -8.81 36.69
N ALA B 206 16.90 -8.22 36.23
CA ALA B 206 16.19 -7.21 37.00
C ALA B 206 15.77 -7.68 38.40
N SER B 207 15.42 -8.96 38.51
CA SER B 207 14.98 -9.52 39.78
C SER B 207 16.07 -10.44 40.32
N SER B 208 17.24 -10.39 39.69
CA SER B 208 18.39 -11.16 40.14
C SER B 208 18.11 -12.66 40.13
N THR B 209 17.38 -13.16 39.14
CA THR B 209 17.17 -14.60 39.08
C THR B 209 17.94 -15.31 37.97
N LYS B 210 18.59 -16.39 38.37
CA LYS B 210 19.26 -17.32 37.49
C LYS B 210 18.62 -18.66 37.82
N VAL B 211 18.21 -19.41 36.80
CA VAL B 211 17.62 -20.72 37.07
C VAL B 211 17.78 -21.72 35.92
N ASP B 212 18.08 -22.96 36.31
CA ASP B 212 18.23 -24.04 35.36
C ASP B 212 17.11 -25.05 35.58
N LYS B 213 16.39 -25.38 34.52
CA LYS B 213 15.31 -26.34 34.61
C LYS B 213 15.59 -27.50 33.67
N LYS B 214 15.92 -28.65 34.24
CA LYS B 214 16.18 -29.83 33.45
C LYS B 214 14.86 -30.38 32.95
N ILE B 215 14.79 -30.67 31.65
CA ILE B 215 13.60 -31.26 31.06
C ILE B 215 13.59 -32.76 31.37
N GLU B 216 12.64 -33.17 32.21
CA GLU B 216 12.55 -34.54 32.68
C GLU B 216 11.42 -35.25 31.93
N PRO B 217 11.66 -36.50 31.49
CA PRO B 217 10.68 -37.27 30.71
C PRO B 217 9.32 -37.42 31.38
N ASP C 1 -13.72 -20.80 -16.97
CA ASP C 1 -13.95 -19.39 -17.24
C ASP C 1 -15.21 -18.84 -16.57
N ILE C 2 -16.37 -19.24 -17.09
CA ILE C 2 -17.65 -18.58 -16.80
C ILE C 2 -17.68 -17.20 -17.41
N GLN C 3 -18.25 -17.09 -18.60
CA GLN C 3 -18.50 -15.78 -19.16
C GLN C 3 -19.89 -15.33 -18.71
N LEU C 4 -19.99 -14.08 -18.26
CA LEU C 4 -21.30 -13.52 -18.03
C LEU C 4 -21.64 -12.57 -19.17
N THR C 5 -22.86 -12.70 -19.70
CA THR C 5 -23.28 -11.94 -20.87
C THR C 5 -24.39 -10.98 -20.50
N GLN C 6 -24.19 -9.72 -20.83
CA GLN C 6 -25.18 -8.70 -20.52
C GLN C 6 -25.92 -8.29 -21.79
N THR C 7 -27.17 -7.91 -21.59
CA THR C 7 -28.08 -7.69 -22.69
C THR C 7 -29.14 -6.76 -22.12
N PRO C 8 -29.49 -5.70 -22.85
CA PRO C 8 -28.91 -5.31 -24.14
C PRO C 8 -27.63 -4.52 -23.92
N LEU C 9 -27.03 -4.01 -25.00
CA LEU C 9 -25.80 -3.24 -24.92
C LEU C 9 -26.06 -1.82 -24.40
N SER C 10 -27.10 -1.20 -24.96
CA SER C 10 -27.58 0.08 -24.46
C SER C 10 -29.05 -0.05 -24.16
N LEU C 11 -29.54 0.80 -23.27
CA LEU C 11 -30.97 0.86 -22.99
C LEU C 11 -31.39 2.29 -22.72
N PRO C 12 -32.14 2.87 -23.67
CA PRO C 12 -32.70 4.21 -23.49
C PRO C 12 -33.98 4.06 -22.70
N VAL C 13 -34.24 5.00 -21.80
CA VAL C 13 -35.44 4.93 -20.98
C VAL C 13 -35.84 6.34 -20.59
N SER C 14 -37.14 6.59 -20.52
CA SER C 14 -37.66 7.89 -20.08
C SER C 14 -37.63 7.96 -18.57
N LEU C 15 -37.46 9.15 -18.01
CA LEU C 15 -37.47 9.32 -16.57
C LEU C 15 -38.80 8.82 -15.99
N GLY C 16 -38.73 8.21 -14.81
CA GLY C 16 -39.91 7.68 -14.15
C GLY C 16 -40.33 6.31 -14.64
N ASP C 17 -39.75 5.87 -15.75
CA ASP C 17 -40.08 4.55 -16.29
C ASP C 17 -39.15 3.46 -15.77
N GLN C 18 -39.57 2.22 -15.94
CA GLN C 18 -38.80 1.09 -15.47
C GLN C 18 -37.78 0.65 -16.52
N ALA C 19 -36.61 0.25 -16.06
CA ALA C 19 -35.59 -0.29 -16.95
C ALA C 19 -35.33 -1.73 -16.55
N SER C 20 -35.00 -2.58 -17.51
CA SER C 20 -34.76 -3.98 -17.22
C SER C 20 -33.48 -4.46 -17.91
N ILE C 21 -32.62 -5.09 -17.12
CA ILE C 21 -31.32 -5.54 -17.60
C ILE C 21 -31.12 -7.02 -17.36
N SER C 22 -30.52 -7.72 -18.33
CA SER C 22 -30.35 -9.16 -18.20
C SER C 22 -28.88 -9.56 -18.13
N CYS C 23 -28.61 -10.60 -17.34
CA CYS C 23 -27.26 -11.13 -17.19
C CYS C 23 -27.31 -12.65 -17.12
N ARG C 24 -26.73 -13.29 -18.12
CA ARG C 24 -26.68 -14.74 -18.19
C ARG C 24 -25.26 -15.22 -17.92
N SER C 25 -25.14 -16.33 -17.20
CA SER C 25 -23.83 -16.92 -16.93
C SER C 25 -23.64 -18.15 -17.81
N SER C 26 -22.40 -18.41 -18.19
CA SER C 26 -22.10 -19.57 -19.03
C SER C 26 -22.33 -20.86 -18.25
N GLN C 27 -22.61 -20.72 -16.95
CA GLN C 27 -23.00 -21.87 -16.14
C GLN C 27 -23.62 -21.46 -14.82
N SER C 28 -24.17 -22.44 -14.10
CA SER C 28 -24.87 -22.16 -12.85
C SER C 28 -23.96 -21.44 -11.87
N LEU C 29 -24.56 -20.51 -11.14
CA LEU C 29 -23.86 -19.74 -10.11
C LEU C 29 -24.17 -20.30 -8.73
N VAL C 30 -25.04 -21.31 -8.68
CA VAL C 30 -25.37 -21.95 -7.42
C VAL C 30 -24.16 -22.68 -6.86
N HIS C 31 -23.71 -22.22 -5.69
CA HIS C 31 -22.52 -22.77 -5.05
C HIS C 31 -22.86 -24.03 -4.26
N SER C 32 -21.84 -24.85 -4.01
CA SER C 32 -21.97 -26.07 -3.23
C SER C 32 -22.53 -25.81 -1.83
N ASN C 33 -22.60 -24.56 -1.41
CA ASN C 33 -23.13 -24.25 -0.09
C ASN C 33 -24.54 -23.66 -0.14
N GLY C 34 -25.13 -23.69 -1.33
CA GLY C 34 -26.50 -23.25 -1.51
C GLY C 34 -26.65 -21.79 -1.88
N ASN C 35 -25.55 -21.05 -1.88
CA ASN C 35 -25.59 -19.62 -2.16
C ASN C 35 -25.28 -19.28 -3.62
N THR C 36 -25.83 -18.17 -4.10
CA THR C 36 -25.59 -17.72 -5.46
C THR C 36 -24.92 -16.35 -5.47
N TYR C 37 -23.65 -16.32 -5.83
CA TYR C 37 -22.85 -15.09 -5.77
C TYR C 37 -22.91 -14.29 -7.06
N LEU C 38 -24.00 -13.53 -7.22
CA LEU C 38 -24.24 -12.71 -8.41
C LEU C 38 -24.44 -11.26 -8.00
N HIS C 39 -23.56 -10.40 -8.47
CA HIS C 39 -23.59 -9.02 -8.02
C HIS C 39 -23.81 -8.05 -9.17
N TRP C 40 -24.42 -6.91 -8.84
CA TRP C 40 -24.67 -5.86 -9.81
C TRP C 40 -23.92 -4.61 -9.35
N TYR C 41 -23.37 -3.88 -10.31
CA TYR C 41 -22.64 -2.66 -10.03
C TYR C 41 -23.09 -1.56 -10.98
N LEU C 42 -22.94 -0.32 -10.57
CA LEU C 42 -23.12 0.81 -11.46
C LEU C 42 -21.86 1.65 -11.52
N GLN C 43 -21.37 1.89 -12.74
CA GLN C 43 -20.27 2.81 -12.95
C GLN C 43 -20.82 4.07 -13.59
N LYS C 44 -20.88 5.15 -12.82
CA LYS C 44 -21.27 6.43 -13.37
C LYS C 44 -20.07 7.02 -14.11
N PRO C 45 -20.34 7.93 -15.06
CA PRO C 45 -19.29 8.60 -15.83
C PRO C 45 -18.22 9.20 -14.92
N GLY C 46 -16.96 8.87 -15.20
CA GLY C 46 -15.86 9.44 -14.43
C GLY C 46 -15.64 8.82 -13.07
N GLN C 47 -16.54 7.94 -12.65
CA GLN C 47 -16.37 7.26 -11.36
C GLN C 47 -16.02 5.80 -11.53
N SER C 48 -15.54 5.21 -10.45
CA SER C 48 -15.29 3.77 -10.43
C SER C 48 -16.59 3.06 -10.16
N PRO C 49 -16.63 1.74 -10.34
CA PRO C 49 -17.82 0.92 -10.06
C PRO C 49 -18.25 1.01 -8.60
N LYS C 50 -19.55 0.84 -8.35
CA LYS C 50 -20.11 0.86 -7.02
C LYS C 50 -21.10 -0.29 -6.84
N LEU C 51 -20.91 -1.08 -5.78
CA LEU C 51 -21.79 -2.22 -5.51
C LEU C 51 -23.23 -1.75 -5.35
N LEU C 52 -24.14 -2.43 -6.05
CA LEU C 52 -25.57 -2.18 -5.88
C LEU C 52 -26.18 -3.35 -5.13
N ILE C 53 -25.96 -4.54 -5.66
CA ILE C 53 -26.62 -5.74 -5.17
C ILE C 53 -25.63 -6.89 -5.12
N TYR C 54 -25.64 -7.62 -4.00
CA TYR C 54 -24.79 -8.80 -3.87
C TYR C 54 -25.64 -10.03 -3.61
N LYS C 55 -25.10 -11.20 -3.94
CA LYS C 55 -25.83 -12.45 -3.77
C LYS C 55 -27.26 -12.35 -4.32
N VAL C 56 -27.36 -12.02 -5.61
CA VAL C 56 -28.61 -11.99 -6.36
C VAL C 56 -29.58 -10.84 -6.08
N SER C 57 -29.94 -10.64 -4.82
CA SER C 57 -31.04 -9.72 -4.50
C SER C 57 -30.82 -8.84 -3.27
N ASN C 58 -29.67 -8.98 -2.62
CA ASN C 58 -29.38 -8.20 -1.42
C ASN C 58 -28.82 -6.82 -1.74
N ARG C 59 -29.62 -5.79 -1.49
CA ARG C 59 -29.16 -4.42 -1.68
C ARG C 59 -28.07 -4.10 -0.69
N PHE C 60 -26.91 -3.67 -1.17
CA PHE C 60 -25.88 -3.19 -0.27
C PHE C 60 -26.39 -1.91 0.38
N SER C 61 -25.83 -1.58 1.55
CA SER C 61 -26.31 -0.43 2.30
C SER C 61 -26.16 0.84 1.47
N GLY C 62 -27.24 1.60 1.39
CA GLY C 62 -27.21 2.85 0.66
C GLY C 62 -27.92 2.79 -0.66
N VAL C 63 -28.12 1.58 -1.15
CA VAL C 63 -28.74 1.40 -2.46
C VAL C 63 -30.25 1.55 -2.36
N PRO C 64 -30.81 2.52 -3.08
CA PRO C 64 -32.26 2.78 -3.05
C PRO C 64 -33.01 1.53 -3.46
N ASP C 65 -34.21 1.30 -2.92
CA ASP C 65 -34.93 0.07 -3.27
C ASP C 65 -35.66 0.13 -4.63
N ARG C 66 -35.41 1.17 -5.41
CA ARG C 66 -35.84 1.20 -6.81
C ARG C 66 -34.98 0.22 -7.60
N PHE C 67 -33.79 -0.06 -7.07
CA PHE C 67 -32.92 -1.07 -7.66
C PHE C 67 -33.26 -2.42 -7.05
N SER C 68 -33.53 -3.40 -7.89
CA SER C 68 -33.95 -4.71 -7.43
C SER C 68 -33.44 -5.81 -8.36
N GLY C 69 -32.94 -6.89 -7.77
CA GLY C 69 -32.39 -7.99 -8.53
C GLY C 69 -33.05 -9.32 -8.21
N SER C 70 -33.21 -10.15 -9.23
CA SER C 70 -33.82 -11.46 -9.08
C SER C 70 -33.13 -12.46 -10.01
N GLY C 71 -33.48 -13.74 -9.88
CA GLY C 71 -32.96 -14.75 -10.79
C GLY C 71 -32.42 -16.01 -10.14
N SER C 72 -32.14 -17.01 -10.96
CA SER C 72 -31.66 -18.31 -10.48
C SER C 72 -30.64 -18.90 -11.44
N GLY C 73 -29.67 -19.61 -10.89
CA GLY C 73 -28.83 -20.50 -11.69
C GLY C 73 -27.95 -19.88 -12.76
N THR C 74 -28.53 -19.53 -13.90
CA THR C 74 -27.77 -18.88 -14.97
C THR C 74 -28.52 -17.67 -15.51
N ASP C 75 -29.58 -17.27 -14.83
CA ASP C 75 -30.48 -16.28 -15.38
C ASP C 75 -30.81 -15.17 -14.39
N PHE C 76 -30.36 -13.96 -14.70
CA PHE C 76 -30.47 -12.88 -13.73
C PHE C 76 -30.91 -11.55 -14.32
N THR C 77 -31.66 -10.79 -13.53
CA THR C 77 -32.22 -9.53 -14.01
C THR C 77 -32.10 -8.41 -12.98
N LEU C 78 -31.71 -7.23 -13.45
CA LEU C 78 -31.74 -6.04 -12.62
C LEU C 78 -32.86 -5.14 -13.10
N LYS C 79 -33.70 -4.72 -12.16
CA LYS C 79 -34.80 -3.85 -12.49
C LYS C 79 -34.65 -2.52 -11.76
N ILE C 80 -34.87 -1.45 -12.51
CA ILE C 80 -34.74 -0.11 -11.98
C ILE C 80 -36.06 0.61 -12.21
N SER C 81 -36.88 0.68 -11.16
CA SER C 81 -38.12 1.42 -11.26
C SER C 81 -37.79 2.89 -11.17
N SER C 82 -38.75 3.74 -11.53
CA SER C 82 -38.56 5.18 -11.40
C SER C 82 -37.14 5.60 -11.73
N VAL C 83 -36.73 5.42 -12.98
CA VAL C 83 -35.41 5.86 -13.41
C VAL C 83 -35.25 7.36 -13.19
N GLU C 84 -34.18 7.73 -12.48
CA GLU C 84 -33.80 9.13 -12.35
C GLU C 84 -32.59 9.37 -13.24
N ALA C 85 -32.30 10.64 -13.51
CA ALA C 85 -31.16 10.99 -14.35
C ALA C 85 -29.87 10.42 -13.79
N GLU C 86 -29.69 10.55 -12.48
CA GLU C 86 -28.46 10.14 -11.82
C GLU C 86 -28.22 8.64 -11.88
N ASP C 87 -29.13 7.91 -12.53
CA ASP C 87 -28.99 6.47 -12.68
C ASP C 87 -28.15 6.10 -13.90
N LEU C 88 -28.04 7.03 -14.84
CA LEU C 88 -27.30 6.75 -16.06
C LEU C 88 -25.88 6.31 -15.75
N GLY C 89 -25.33 5.46 -16.61
CA GLY C 89 -23.98 4.94 -16.45
C GLY C 89 -23.89 3.57 -17.07
N VAL C 90 -22.90 2.78 -16.65
CA VAL C 90 -22.80 1.39 -17.09
C VAL C 90 -23.08 0.45 -15.92
N TYR C 91 -24.09 -0.40 -16.10
CA TYR C 91 -24.40 -1.41 -15.11
C TYR C 91 -23.67 -2.71 -15.42
N PHE C 92 -22.95 -3.22 -14.43
CA PHE C 92 -22.21 -4.46 -14.58
C PHE C 92 -22.76 -5.52 -13.66
N CYS C 93 -22.76 -6.77 -14.12
CA CYS C 93 -22.94 -7.90 -13.22
C CYS C 93 -21.60 -8.61 -13.14
N SER C 94 -21.36 -9.28 -12.02
CA SER C 94 -20.19 -10.13 -11.87
C SER C 94 -20.62 -11.34 -11.06
N GLN C 95 -19.90 -12.45 -11.22
CA GLN C 95 -20.11 -13.60 -10.36
C GLN C 95 -18.83 -13.92 -9.61
N SER C 96 -18.96 -14.37 -8.36
CA SER C 96 -17.80 -14.73 -7.54
C SER C 96 -17.99 -16.10 -6.90
N THR C 97 -18.97 -16.85 -7.40
CA THR C 97 -19.15 -18.24 -7.01
C THR C 97 -17.89 -18.99 -7.37
N HIS C 98 -17.47 -18.85 -8.61
CA HIS C 98 -16.19 -19.36 -9.09
C HIS C 98 -15.19 -18.19 -9.11
N VAL C 99 -14.00 -18.43 -9.65
CA VAL C 99 -13.04 -17.36 -9.87
C VAL C 99 -13.75 -16.18 -10.54
N PRO C 100 -13.68 -15.00 -9.91
CA PRO C 100 -14.53 -13.85 -10.24
C PRO C 100 -14.42 -13.37 -11.68
N THR C 101 -15.57 -13.21 -12.33
CA THR C 101 -15.65 -12.71 -13.70
C THR C 101 -16.72 -11.64 -13.80
N PHE C 102 -16.55 -10.68 -14.72
CA PHE C 102 -17.48 -9.55 -14.86
C PHE C 102 -18.21 -9.57 -16.20
N GLY C 103 -19.42 -9.01 -16.22
CA GLY C 103 -20.15 -8.83 -17.46
C GLY C 103 -19.52 -7.74 -18.31
N GLY C 104 -20.04 -7.56 -19.52
CA GLY C 104 -19.52 -6.55 -20.42
C GLY C 104 -20.10 -5.17 -20.15
N GLY C 105 -21.17 -5.13 -19.38
CA GLY C 105 -21.82 -3.88 -19.01
C GLY C 105 -23.02 -3.55 -19.86
N THR C 106 -23.91 -2.72 -19.33
CA THR C 106 -25.07 -2.25 -20.06
C THR C 106 -25.28 -0.76 -19.81
N LYS C 107 -25.14 0.03 -20.86
CA LYS C 107 -25.29 1.48 -20.75
C LYS C 107 -26.75 1.87 -20.65
N LEU C 108 -27.08 2.60 -19.59
CA LEU C 108 -28.43 3.15 -19.45
C LEU C 108 -28.44 4.56 -19.99
N GLU C 109 -29.20 4.78 -21.06
CA GLU C 109 -29.36 6.12 -21.63
C GLU C 109 -30.68 6.73 -21.18
N ILE C 110 -30.68 8.01 -20.86
CA ILE C 110 -31.91 8.69 -20.47
C ILE C 110 -32.54 9.41 -21.66
N LYS C 111 -33.70 8.91 -22.08
CA LYS C 111 -34.40 9.52 -23.21
C LYS C 111 -34.65 11.00 -22.91
N ARG C 112 -34.38 11.83 -23.91
CA ARG C 112 -34.54 13.28 -23.75
C ARG C 112 -35.30 13.85 -24.94
N ALA C 113 -35.89 15.03 -24.75
CA ALA C 113 -36.69 15.65 -25.80
C ALA C 113 -36.01 15.58 -27.16
N ASP C 114 -35.02 16.46 -27.36
CA ASP C 114 -34.30 16.59 -28.62
C ASP C 114 -33.65 17.96 -28.63
N ALA C 115 -32.38 18.02 -29.02
CA ALA C 115 -31.61 19.23 -28.84
C ALA C 115 -30.54 19.35 -29.90
N ALA C 116 -30.49 20.50 -30.55
CA ALA C 116 -29.53 20.73 -31.62
C ALA C 116 -28.18 21.13 -31.05
N PRO C 117 -27.10 20.72 -31.72
CA PRO C 117 -25.75 21.04 -31.23
C PRO C 117 -25.42 22.51 -31.43
N THR C 118 -24.71 23.10 -30.47
CA THR C 118 -24.12 24.41 -30.66
C THR C 118 -22.71 24.19 -31.17
N VAL C 119 -22.44 24.70 -32.38
CA VAL C 119 -21.19 24.39 -33.06
C VAL C 119 -20.20 25.56 -33.05
N SER C 120 -18.93 25.25 -32.74
CA SER C 120 -17.89 26.26 -32.62
C SER C 120 -16.65 25.80 -33.35
N ILE C 121 -16.12 26.65 -34.23
CA ILE C 121 -14.90 26.30 -34.95
C ILE C 121 -13.74 27.21 -34.52
N PHE C 122 -12.56 26.62 -34.41
CA PHE C 122 -11.38 27.38 -34.00
C PHE C 122 -10.20 27.10 -34.93
N PRO C 123 -9.70 28.15 -35.60
CA PRO C 123 -8.48 27.99 -36.41
C PRO C 123 -7.33 27.69 -35.46
N PRO C 124 -6.21 27.20 -36.00
CA PRO C 124 -5.04 26.95 -35.15
C PRO C 124 -4.65 28.22 -34.41
N SER C 125 -4.18 28.09 -33.17
CA SER C 125 -3.66 29.23 -32.42
C SER C 125 -2.35 29.71 -33.04
N SER C 126 -2.06 30.99 -32.93
CA SER C 126 -0.78 31.52 -33.42
C SER C 126 0.36 30.80 -32.69
N GLU C 127 0.10 30.44 -31.43
CA GLU C 127 1.05 29.69 -30.62
C GLU C 127 1.44 28.38 -31.30
N GLN C 128 0.44 27.57 -31.67
CA GLN C 128 0.73 26.31 -32.36
C GLN C 128 1.38 26.52 -33.73
N LEU C 129 0.88 27.49 -34.49
CA LEU C 129 1.46 27.80 -35.79
C LEU C 129 2.93 28.21 -35.63
N THR C 130 3.22 29.08 -34.67
CA THR C 130 4.61 29.47 -34.40
C THR C 130 5.39 28.35 -33.72
N SER C 131 4.95 27.12 -33.97
CA SER C 131 5.76 25.95 -33.66
C SER C 131 5.65 24.91 -34.75
N GLY C 132 5.21 25.33 -35.93
CA GLY C 132 5.17 24.45 -37.08
C GLY C 132 4.25 23.26 -36.92
N GLY C 133 3.03 23.53 -36.48
CA GLY C 133 1.97 22.54 -36.42
C GLY C 133 0.66 23.27 -36.61
N ALA C 134 -0.37 22.55 -37.04
CA ALA C 134 -1.66 23.18 -37.25
C ALA C 134 -2.83 22.25 -36.96
N SER C 135 -3.68 22.66 -36.03
CA SER C 135 -4.85 21.90 -35.66
C SER C 135 -6.06 22.83 -35.74
N VAL C 136 -7.12 22.34 -36.37
CA VAL C 136 -8.35 23.09 -36.41
C VAL C 136 -9.37 22.35 -35.55
N VAL C 137 -10.06 23.08 -34.68
CA VAL C 137 -10.93 22.41 -33.73
C VAL C 137 -12.39 22.81 -33.86
N CYS C 138 -13.27 21.82 -33.67
CA CYS C 138 -14.71 22.05 -33.70
C CYS C 138 -15.38 21.44 -32.46
N PHE C 139 -16.11 22.25 -31.71
CA PHE C 139 -16.92 21.73 -30.62
C PHE C 139 -18.39 21.65 -31.03
N LEU C 140 -19.01 20.53 -30.71
CA LEU C 140 -20.43 20.35 -30.98
C LEU C 140 -21.11 19.95 -29.68
N ASN C 141 -21.79 20.92 -29.09
CA ASN C 141 -22.15 20.83 -27.68
C ASN C 141 -23.64 20.73 -27.39
N ASN C 142 -23.97 19.98 -26.34
CA ASN C 142 -25.32 19.97 -25.80
C ASN C 142 -26.38 19.44 -26.77
N PHE C 143 -26.09 18.30 -27.37
CA PHE C 143 -27.01 17.74 -28.36
C PHE C 143 -27.64 16.41 -27.96
N TYR C 144 -28.81 16.16 -28.51
CA TYR C 144 -29.51 14.90 -28.33
C TYR C 144 -30.36 14.67 -29.58
N PRO C 145 -30.41 13.43 -30.06
CA PRO C 145 -29.75 12.20 -29.58
C PRO C 145 -28.24 12.14 -29.86
N LYS C 146 -27.62 11.05 -29.43
CA LYS C 146 -26.16 10.91 -29.48
C LYS C 146 -25.59 10.75 -30.90
N ASP C 147 -26.37 10.22 -31.82
CA ASP C 147 -25.89 9.98 -33.18
C ASP C 147 -25.70 11.29 -33.93
N ILE C 148 -24.51 11.48 -34.49
CA ILE C 148 -24.19 12.69 -35.23
C ILE C 148 -23.02 12.39 -36.16
N ASN C 149 -23.00 13.05 -37.32
CA ASN C 149 -21.91 12.84 -38.27
C ASN C 149 -21.16 14.12 -38.55
N VAL C 150 -19.90 14.17 -38.15
CA VAL C 150 -19.08 15.35 -38.37
C VAL C 150 -18.12 15.16 -39.54
N LYS C 151 -18.10 16.14 -40.42
CA LYS C 151 -17.19 16.17 -41.56
C LYS C 151 -16.33 17.43 -41.48
N TRP C 152 -15.08 17.29 -41.90
CA TRP C 152 -14.25 18.45 -42.18
C TRP C 152 -14.15 18.63 -43.68
N LYS C 153 -14.32 19.86 -44.15
CA LYS C 153 -14.13 20.18 -45.56
C LYS C 153 -13.11 21.30 -45.69
N ILE C 154 -12.12 21.07 -46.55
CA ILE C 154 -11.07 22.05 -46.79
C ILE C 154 -11.17 22.52 -48.24
N ASP C 155 -11.46 23.80 -48.44
CA ASP C 155 -11.75 24.28 -49.79
C ASP C 155 -12.80 23.37 -50.40
N GLY C 156 -13.87 23.12 -49.65
CA GLY C 156 -14.98 22.31 -50.13
C GLY C 156 -14.80 20.81 -50.12
N SER C 157 -13.55 20.34 -50.00
CA SER C 157 -13.26 18.92 -50.15
C SER C 157 -13.12 18.20 -48.80
N GLU C 158 -13.90 17.14 -48.60
CA GLU C 158 -13.86 16.43 -47.32
C GLU C 158 -12.48 15.83 -47.00
N ARG C 159 -12.08 15.96 -45.75
CA ARG C 159 -10.83 15.39 -45.28
C ARG C 159 -11.13 14.43 -44.12
N GLN C 160 -10.75 13.17 -44.23
CA GLN C 160 -10.97 12.26 -43.11
C GLN C 160 -9.69 11.76 -42.43
N ASN C 161 -8.58 11.74 -43.16
CA ASN C 161 -7.28 11.51 -42.57
C ASN C 161 -6.95 12.61 -41.57
N GLY C 162 -6.40 12.25 -40.43
CA GLY C 162 -5.95 13.21 -39.43
C GLY C 162 -7.02 13.78 -38.51
N VAL C 163 -8.19 13.15 -38.47
CA VAL C 163 -9.27 13.62 -37.60
C VAL C 163 -9.34 12.88 -36.27
N LEU C 164 -9.60 13.64 -35.22
CA LEU C 164 -9.56 13.14 -33.86
C LEU C 164 -10.85 13.52 -33.16
N ASN C 165 -11.72 12.53 -32.96
CA ASN C 165 -13.02 12.74 -32.36
C ASN C 165 -13.10 12.30 -30.90
N SER C 166 -13.81 13.07 -30.09
CA SER C 166 -14.01 12.73 -28.68
C SER C 166 -15.39 13.19 -28.25
N TRP C 167 -16.08 12.33 -27.51
CA TRP C 167 -17.44 12.62 -27.08
C TRP C 167 -17.51 12.45 -25.57
N THR C 168 -18.40 13.18 -24.91
CA THR C 168 -18.60 12.98 -23.48
C THR C 168 -19.62 11.87 -23.27
N ASP C 169 -19.62 11.30 -22.06
CA ASP C 169 -20.73 10.48 -21.61
C ASP C 169 -21.95 11.38 -21.58
N GLN C 170 -23.12 10.80 -21.41
CA GLN C 170 -24.33 11.61 -21.22
C GLN C 170 -24.21 12.40 -19.92
N ASP C 171 -24.61 13.66 -19.97
CA ASP C 171 -24.56 14.52 -18.79
C ASP C 171 -25.84 14.42 -17.97
N SER C 172 -25.75 13.79 -16.81
CA SER C 172 -26.86 13.71 -15.87
C SER C 172 -27.64 15.01 -15.82
N LYS C 173 -26.93 16.13 -15.80
CA LYS C 173 -27.54 17.45 -15.62
C LYS C 173 -28.69 17.71 -16.59
N ASP C 174 -28.43 17.63 -17.90
CA ASP C 174 -29.46 17.92 -18.89
C ASP C 174 -29.71 16.77 -19.85
N SER C 175 -29.00 15.66 -19.64
CA SER C 175 -29.16 14.46 -20.45
C SER C 175 -28.58 14.58 -21.86
N THR C 176 -27.84 15.64 -22.14
CA THR C 176 -27.30 15.86 -23.48
C THR C 176 -25.91 15.26 -23.69
N TYR C 177 -25.44 15.32 -24.93
CA TYR C 177 -24.08 14.92 -25.27
C TYR C 177 -23.31 16.11 -25.83
N SER C 178 -21.98 15.98 -25.89
CA SER C 178 -21.11 16.99 -26.47
C SER C 178 -19.97 16.27 -27.17
N MET C 179 -19.42 16.90 -28.22
CA MET C 179 -18.36 16.26 -28.98
C MET C 179 -17.26 17.25 -29.36
N SER C 180 -16.04 16.73 -29.52
CA SER C 180 -14.91 17.54 -29.96
C SER C 180 -14.21 16.87 -31.13
N SER C 181 -14.03 17.62 -32.21
CA SER C 181 -13.32 17.11 -33.38
C SER C 181 -12.10 17.96 -33.66
N THR C 182 -10.96 17.32 -33.83
CA THR C 182 -9.72 18.03 -34.10
C THR C 182 -9.06 17.51 -35.37
N LEU C 183 -8.95 18.40 -36.36
CA LEU C 183 -8.25 18.09 -37.60
C LEU C 183 -6.83 18.60 -37.48
N THR C 184 -5.85 17.70 -37.58
CA THR C 184 -4.46 18.13 -37.55
C THR C 184 -3.79 17.96 -38.91
N LEU C 185 -3.05 18.99 -39.29
CA LEU C 185 -2.36 19.03 -40.57
C LEU C 185 -0.93 19.51 -40.34
N THR C 186 -0.05 19.29 -41.31
CA THR C 186 1.23 19.98 -41.29
C THR C 186 0.92 21.45 -41.46
N LYS C 187 1.79 22.31 -40.94
CA LYS C 187 1.61 23.73 -41.13
C LYS C 187 1.56 24.09 -42.61
N ASP C 188 2.30 23.34 -43.44
CA ASP C 188 2.30 23.53 -44.89
C ASP C 188 0.94 23.35 -45.61
N GLU C 189 0.29 22.17 -45.53
CA GLU C 189 -1.02 22.04 -46.17
C GLU C 189 -2.07 22.95 -45.51
N TYR C 190 -1.95 23.19 -44.20
CA TYR C 190 -2.83 24.18 -43.59
C TYR C 190 -2.79 25.49 -44.37
N GLU C 191 -1.58 25.98 -44.65
CA GLU C 191 -1.43 27.25 -45.34
C GLU C 191 -1.72 27.17 -46.84
N ARG C 192 -1.78 25.96 -47.39
CA ARG C 192 -2.09 25.79 -48.80
C ARG C 192 -3.58 26.01 -49.11
N HIS C 193 -4.40 26.11 -48.08
CA HIS C 193 -5.85 26.21 -48.28
C HIS C 193 -6.38 27.36 -47.47
N ASN C 194 -7.60 27.80 -47.74
CA ASN C 194 -8.17 28.85 -46.89
C ASN C 194 -9.65 28.76 -46.52
N SER C 195 -10.39 27.81 -47.10
CA SER C 195 -11.71 27.59 -46.56
C SER C 195 -11.69 26.39 -45.62
N TYR C 196 -12.10 26.62 -44.39
CA TYR C 196 -12.15 25.57 -43.38
C TYR C 196 -13.52 25.46 -42.74
N THR C 197 -14.04 24.24 -42.74
CA THR C 197 -15.44 24.01 -42.50
C THR C 197 -15.69 22.76 -41.64
N CYS C 198 -16.34 22.97 -40.49
CA CYS C 198 -16.81 21.87 -39.66
C CYS C 198 -18.31 21.69 -39.91
N GLU C 199 -18.73 20.51 -40.33
CA GLU C 199 -20.09 20.37 -40.87
C GLU C 199 -21.17 19.76 -39.95
N ALA C 200 -21.15 18.46 -39.70
CA ALA C 200 -22.16 17.87 -38.80
C ALA C 200 -23.58 17.74 -39.36
N THR C 201 -24.08 16.50 -39.37
CA THR C 201 -25.44 16.18 -39.75
C THR C 201 -26.12 15.56 -38.54
N HIS C 202 -27.27 16.10 -38.15
CA HIS C 202 -27.94 15.65 -36.95
C HIS C 202 -29.46 15.61 -37.17
N LYS C 203 -30.14 14.80 -36.37
CA LYS C 203 -31.59 14.65 -36.45
C LYS C 203 -32.27 16.02 -36.43
N THR C 204 -31.72 16.92 -35.62
CA THR C 204 -32.35 18.20 -35.33
C THR C 204 -32.30 19.23 -36.47
N SER C 205 -31.59 18.91 -37.53
CA SER C 205 -31.49 19.84 -38.66
C SER C 205 -31.73 19.14 -39.99
N THR C 206 -32.41 19.82 -40.90
CA THR C 206 -32.70 19.23 -42.21
C THR C 206 -31.45 19.27 -43.08
N SER C 207 -30.74 20.39 -43.07
CA SER C 207 -29.51 20.56 -43.85
C SER C 207 -28.31 20.54 -42.90
N PRO C 208 -27.10 20.32 -43.43
CA PRO C 208 -25.94 20.26 -42.54
C PRO C 208 -25.82 21.53 -41.69
N ILE C 209 -25.28 21.37 -40.49
CA ILE C 209 -25.02 22.50 -39.61
C ILE C 209 -23.61 22.99 -39.85
N VAL C 210 -23.48 24.14 -40.49
CA VAL C 210 -22.20 24.56 -41.03
C VAL C 210 -21.54 25.64 -40.18
N LYS C 211 -20.24 25.48 -39.97
CA LYS C 211 -19.44 26.48 -39.30
C LYS C 211 -18.13 26.53 -40.07
N SER C 212 -17.82 27.70 -40.63
CA SER C 212 -16.69 27.84 -41.53
C SER C 212 -15.88 29.07 -41.20
N PHE C 213 -14.61 29.06 -41.59
CA PHE C 213 -13.83 30.29 -41.66
C PHE C 213 -13.01 30.35 -42.94
N ASN C 214 -12.64 31.56 -43.35
CA ASN C 214 -11.73 31.75 -44.47
C ASN C 214 -10.45 32.41 -44.02
N ARG C 215 -9.32 31.89 -44.49
CA ARG C 215 -8.03 32.46 -44.16
C ARG C 215 -7.74 33.67 -45.00
N GLU C 216 -7.20 34.65 -44.31
CA GLU C 216 -7.02 35.95 -44.89
C GLU C 216 -5.52 36.13 -44.99
N CYS C 217 -4.95 35.59 -46.08
CA CYS C 217 -3.51 35.43 -46.27
C CYS C 217 -2.71 36.69 -46.10
N GLN D 1 -16.61 8.30 6.92
CA GLN D 1 -16.83 7.79 5.57
C GLN D 1 -15.73 6.85 5.17
N VAL D 2 -16.09 5.81 4.43
CA VAL D 2 -15.12 4.89 3.86
C VAL D 2 -14.42 5.52 2.66
N GLN D 3 -13.10 5.54 2.68
CA GLN D 3 -12.31 5.89 1.49
C GLN D 3 -11.29 4.79 1.23
N LEU D 4 -11.14 4.44 -0.04
CA LEU D 4 -10.03 3.63 -0.52
C LEU D 4 -9.23 4.54 -1.44
N GLN D 5 -8.01 4.90 -1.05
CA GLN D 5 -7.18 5.73 -1.90
C GLN D 5 -5.98 4.98 -2.48
N GLN D 6 -6.04 4.72 -3.78
CA GLN D 6 -4.93 4.14 -4.52
C GLN D 6 -3.82 5.15 -4.68
N SER D 7 -2.59 4.67 -4.84
CA SER D 7 -1.46 5.53 -5.17
C SER D 7 -0.32 4.72 -5.79
N GLY D 8 0.65 5.40 -6.37
CA GLY D 8 1.84 4.75 -6.90
C GLY D 8 1.82 4.38 -8.38
N GLY D 9 0.75 4.70 -9.08
CA GLY D 9 0.64 4.34 -10.48
C GLY D 9 1.52 5.16 -11.41
N GLY D 10 1.56 4.81 -12.69
CA GLY D 10 2.31 5.58 -13.68
C GLY D 10 2.81 4.80 -14.87
N LEU D 11 3.85 5.33 -15.51
CA LEU D 11 4.44 4.71 -16.70
C LEU D 11 5.58 3.76 -16.35
N VAL D 12 5.57 2.57 -16.96
CA VAL D 12 6.61 1.56 -16.75
C VAL D 12 7.02 0.90 -18.06
N GLN D 13 8.31 0.61 -18.22
CA GLN D 13 8.78 -0.17 -19.37
C GLN D 13 8.28 -1.60 -19.30
N PRO D 14 7.97 -2.18 -20.47
CA PRO D 14 7.70 -3.62 -20.52
C PRO D 14 8.88 -4.35 -19.89
N GLY D 15 8.60 -5.40 -19.12
CA GLY D 15 9.65 -6.11 -18.41
C GLY D 15 9.97 -5.50 -17.04
N GLY D 16 9.46 -4.29 -16.80
CA GLY D 16 9.75 -3.57 -15.57
C GLY D 16 8.87 -3.91 -14.39
N SER D 17 9.12 -3.24 -13.26
CA SER D 17 8.41 -3.49 -12.01
C SER D 17 7.72 -2.24 -11.50
N MET D 18 6.62 -2.41 -10.79
CA MET D 18 5.91 -1.28 -10.21
C MET D 18 5.07 -1.69 -9.00
N LYS D 19 5.04 -0.83 -7.98
CA LYS D 19 4.20 -1.07 -6.81
C LYS D 19 3.10 -0.05 -6.72
N ILE D 20 1.86 -0.50 -6.58
CA ILE D 20 0.79 0.41 -6.24
C ILE D 20 0.21 0.06 -4.88
N PHE D 21 -0.44 1.04 -4.26
CA PHE D 21 -0.85 0.91 -2.88
C PHE D 21 -2.29 1.39 -2.73
N CYS D 22 -2.94 0.91 -1.67
CA CYS D 22 -4.27 1.36 -1.34
C CYS D 22 -4.37 1.61 0.15
N ALA D 23 -4.71 2.84 0.51
CA ALA D 23 -4.88 3.23 1.91
C ALA D 23 -6.36 3.29 2.26
N ALA D 24 -6.74 2.59 3.32
CA ALA D 24 -8.14 2.52 3.70
C ALA D 24 -8.44 3.30 4.97
N SER D 25 -9.65 3.83 5.06
CA SER D 25 -10.12 4.45 6.28
C SER D 25 -11.63 4.31 6.38
N GLY D 26 -12.16 4.48 7.58
CA GLY D 26 -13.60 4.47 7.78
C GLY D 26 -14.20 3.10 8.02
N PHE D 27 -13.34 2.09 8.15
CA PHE D 27 -13.83 0.76 8.49
C PHE D 27 -12.75 -0.12 9.10
N THR D 28 -13.17 -1.21 9.72
CA THR D 28 -12.25 -2.11 10.41
C THR D 28 -11.57 -3.03 9.40
N PHE D 29 -10.37 -2.62 9.01
CA PHE D 29 -9.67 -3.18 7.87
C PHE D 29 -9.32 -4.67 8.01
N SER D 30 -8.96 -5.10 9.21
CA SER D 30 -8.62 -6.51 9.43
C SER D 30 -9.81 -7.42 9.12
N ASP D 31 -11.01 -6.86 9.18
CA ASP D 31 -12.23 -7.61 8.89
C ASP D 31 -12.50 -7.71 7.39
N ALA D 32 -11.81 -6.88 6.62
CA ALA D 32 -12.16 -6.65 5.24
C ALA D 32 -11.55 -7.65 4.26
N TRP D 33 -12.38 -8.05 3.30
CA TRP D 33 -11.94 -8.88 2.19
C TRP D 33 -11.56 -7.92 1.07
N MET D 34 -10.31 -7.99 0.61
CA MET D 34 -9.81 -7.00 -0.35
C MET D 34 -9.50 -7.58 -1.74
N ASP D 35 -9.73 -6.78 -2.78
CA ASP D 35 -9.41 -7.16 -4.16
C ASP D 35 -8.68 -6.07 -4.91
N TRP D 36 -7.88 -6.47 -5.90
CA TRP D 36 -7.51 -5.55 -6.98
C TRP D 36 -8.27 -5.95 -8.24
N VAL D 37 -8.89 -4.96 -8.87
CA VAL D 37 -9.63 -5.15 -10.12
C VAL D 37 -9.18 -4.11 -11.14
N ARG D 38 -8.77 -4.54 -12.32
CA ARG D 38 -8.33 -3.60 -13.36
C ARG D 38 -9.34 -3.44 -14.50
N GLN D 39 -9.28 -2.29 -15.16
CA GLN D 39 -10.19 -1.98 -16.26
C GLN D 39 -9.42 -1.50 -17.47
N SER D 40 -9.84 -1.95 -18.64
CA SER D 40 -9.21 -1.57 -19.90
C SER D 40 -10.24 -1.60 -21.03
N PRO D 41 -9.97 -0.91 -22.14
CA PRO D 41 -10.94 -0.98 -23.23
C PRO D 41 -10.91 -2.38 -23.82
N GLU D 42 -9.72 -2.98 -23.83
CA GLU D 42 -9.48 -4.22 -24.53
C GLU D 42 -9.91 -5.43 -23.73
N LYS D 43 -10.69 -5.22 -22.67
CA LYS D 43 -11.00 -6.33 -21.78
C LYS D 43 -12.05 -5.98 -20.71
N GLY D 44 -12.42 -4.71 -20.63
CA GLY D 44 -13.36 -4.27 -19.61
C GLY D 44 -12.84 -4.57 -18.21
N LEU D 45 -13.76 -4.89 -17.30
CA LEU D 45 -13.39 -5.16 -15.90
C LEU D 45 -12.77 -6.54 -15.72
N GLU D 46 -11.65 -6.59 -14.99
CA GLU D 46 -10.88 -7.81 -14.82
C GLU D 46 -10.43 -7.96 -13.36
N TRP D 47 -10.81 -9.05 -12.70
CA TRP D 47 -10.29 -9.35 -11.38
C TRP D 47 -8.81 -9.73 -11.49
N VAL D 48 -7.99 -9.23 -10.57
CA VAL D 48 -6.55 -9.41 -10.67
C VAL D 48 -5.98 -10.29 -9.56
N ALA D 49 -6.45 -10.07 -8.34
CA ALA D 49 -5.91 -10.71 -7.16
C ALA D 49 -6.78 -10.35 -5.99
N GLU D 50 -6.79 -11.21 -4.97
CA GLU D 50 -7.55 -10.92 -3.75
C GLU D 50 -6.69 -11.24 -2.55
N ILE D 51 -7.03 -10.64 -1.41
CA ILE D 51 -6.40 -11.02 -0.15
C ILE D 51 -7.46 -11.05 0.93
N ARG D 52 -7.59 -12.19 1.59
CA ARG D 52 -8.70 -12.40 2.53
C ARG D 52 -8.44 -11.86 3.95
N ASN D 53 -9.54 -11.75 4.67
CA ASN D 53 -9.61 -11.58 6.13
C ASN D 53 -8.40 -11.98 6.96
N LYS D 54 -8.22 -11.34 8.10
CA LYS D 54 -7.32 -11.86 9.13
C LYS D 54 -7.92 -13.19 9.59
N ALA D 55 -9.22 -13.17 9.84
CA ALA D 55 -9.95 -14.39 10.18
C ALA D 55 -9.59 -15.51 9.21
N ASN D 56 -9.39 -15.17 7.94
CA ASN D 56 -9.09 -16.16 6.93
C ASN D 56 -7.61 -16.24 6.57
N ASN D 57 -6.76 -15.77 7.50
CA ASN D 57 -5.30 -15.89 7.38
C ASN D 57 -4.68 -15.10 6.22
N HIS D 58 -5.30 -13.99 5.83
CA HIS D 58 -4.82 -13.17 4.71
C HIS D 58 -4.52 -14.00 3.46
N GLU D 59 -5.30 -15.05 3.22
CA GLU D 59 -5.10 -15.90 2.04
C GLU D 59 -5.20 -15.13 0.73
N THR D 60 -4.23 -15.37 -0.15
CA THR D 60 -4.14 -14.68 -1.43
C THR D 60 -4.50 -15.60 -2.57
N TYR D 61 -5.00 -15.00 -3.64
CA TYR D 61 -5.28 -15.72 -4.87
C TYR D 61 -5.09 -14.73 -6.00
N TYR D 62 -4.60 -15.22 -7.14
CA TYR D 62 -4.28 -14.35 -8.24
C TYR D 62 -4.98 -14.84 -9.49
N ALA D 63 -5.35 -13.89 -10.34
CA ALA D 63 -5.83 -14.25 -11.66
C ALA D 63 -4.69 -14.95 -12.36
N GLU D 64 -5.05 -15.91 -13.22
CA GLU D 64 -4.07 -16.73 -13.92
C GLU D 64 -3.15 -15.91 -14.83
N SER D 65 -3.63 -14.74 -15.26
CA SER D 65 -2.86 -13.90 -16.16
C SER D 65 -1.69 -13.24 -15.45
N VAL D 66 -1.75 -13.17 -14.12
CA VAL D 66 -0.72 -12.45 -13.35
C VAL D 66 -0.03 -13.35 -12.32
N LYS D 67 -0.53 -14.57 -12.18
CA LYS D 67 0.05 -15.54 -11.26
C LYS D 67 1.55 -15.64 -11.45
N GLY D 68 2.32 -15.42 -10.38
CA GLY D 68 3.77 -15.53 -10.43
C GLY D 68 4.47 -14.20 -10.65
N ARG D 69 3.75 -13.23 -11.22
CA ARG D 69 4.37 -11.93 -11.51
C ARG D 69 3.94 -10.88 -10.49
N PHE D 70 2.77 -11.07 -9.91
CA PHE D 70 2.15 -10.09 -9.04
C PHE D 70 2.11 -10.58 -7.59
N THR D 71 2.44 -9.71 -6.64
CA THR D 71 2.33 -10.06 -5.22
C THR D 71 1.48 -9.06 -4.47
N ILE D 72 0.40 -9.55 -3.87
CA ILE D 72 -0.48 -8.72 -3.07
C ILE D 72 0.00 -8.76 -1.62
N THR D 73 -0.13 -7.63 -0.93
CA THR D 73 0.44 -7.46 0.40
C THR D 73 -0.54 -6.66 1.27
N ARG D 74 -0.64 -6.97 2.56
CA ARG D 74 -1.51 -6.19 3.44
C ARG D 74 -0.96 -5.99 4.87
N ASP D 75 -1.30 -4.84 5.44
CA ASP D 75 -0.94 -4.50 6.80
C ASP D 75 -2.17 -3.97 7.52
N ASP D 76 -2.79 -4.81 8.34
CA ASP D 76 -4.01 -4.42 9.02
C ASP D 76 -3.76 -3.27 10.01
N SER D 77 -2.64 -3.29 10.71
CA SER D 77 -2.36 -2.22 11.66
C SER D 77 -2.28 -0.85 10.98
N LYS D 78 -1.88 -0.82 9.71
CA LYS D 78 -1.73 0.45 8.99
C LYS D 78 -2.85 0.65 7.94
N SER D 79 -3.85 -0.24 7.97
CA SER D 79 -4.96 -0.20 7.02
C SER D 79 -4.51 0.06 5.58
N ARG D 80 -3.58 -0.76 5.11
CA ARG D 80 -2.97 -0.58 3.81
C ARG D 80 -2.75 -1.94 3.16
N MET D 81 -2.91 -1.99 1.83
CA MET D 81 -2.45 -3.14 1.06
C MET D 81 -1.70 -2.63 -0.15
N SER D 82 -1.00 -3.52 -0.85
CA SER D 82 -0.29 -3.12 -2.05
C SER D 82 -0.44 -4.19 -3.13
N LEU D 83 0.01 -3.85 -4.33
CA LEU D 83 0.15 -4.82 -5.39
C LEU D 83 1.51 -4.59 -6.00
N GLN D 84 2.39 -5.58 -5.87
CA GLN D 84 3.75 -5.46 -6.36
C GLN D 84 3.93 -6.31 -7.61
N MET D 85 4.18 -5.62 -8.71
CA MET D 85 4.12 -6.20 -10.05
C MET D 85 5.51 -6.30 -10.67
N ASN D 86 5.77 -7.41 -11.35
CA ASN D 86 7.04 -7.61 -12.03
C ASN D 86 6.82 -8.12 -13.45
N SER D 87 7.83 -7.99 -14.30
CA SER D 87 7.72 -8.47 -15.67
C SER D 87 6.43 -7.97 -16.27
N LEU D 88 6.18 -6.66 -16.15
CA LEU D 88 4.92 -6.11 -16.63
C LEU D 88 4.81 -6.19 -18.15
N ARG D 89 3.59 -6.35 -18.64
CA ARG D 89 3.32 -6.48 -20.07
C ARG D 89 2.39 -5.37 -20.52
N ALA D 90 2.46 -5.05 -21.80
CA ALA D 90 1.53 -4.10 -22.39
C ALA D 90 0.10 -4.42 -21.94
N GLU D 91 -0.24 -5.71 -21.92
CA GLU D 91 -1.60 -6.13 -21.58
C GLU D 91 -1.98 -5.87 -20.11
N ASP D 92 -0.99 -5.57 -19.27
CA ASP D 92 -1.28 -5.24 -17.87
C ASP D 92 -1.73 -3.79 -17.74
N THR D 93 -1.47 -3.00 -18.79
CA THR D 93 -1.89 -1.61 -18.83
C THR D 93 -3.37 -1.48 -18.49
N GLY D 94 -3.68 -0.60 -17.54
CA GLY D 94 -5.06 -0.35 -17.23
C GLY D 94 -5.27 0.56 -16.03
N ILE D 95 -6.53 0.82 -15.72
CA ILE D 95 -6.88 1.46 -14.47
C ILE D 95 -6.96 0.36 -13.41
N TYR D 96 -6.19 0.49 -12.33
CA TYR D 96 -6.24 -0.50 -11.25
C TYR D 96 -7.02 0.02 -10.05
N TYR D 97 -8.16 -0.62 -9.77
CA TYR D 97 -8.98 -0.26 -8.63
C TYR D 97 -8.68 -1.10 -7.39
N CYS D 98 -8.70 -0.45 -6.23
CA CYS D 98 -8.65 -1.12 -4.95
C CYS D 98 -10.09 -1.31 -4.48
N SER D 99 -10.43 -2.50 -4.03
CA SER D 99 -11.80 -2.79 -3.65
C SER D 99 -11.85 -3.73 -2.46
N GLY D 100 -12.80 -3.50 -1.56
CA GLY D 100 -12.92 -4.37 -0.40
C GLY D 100 -14.04 -4.02 0.55
N GLY D 101 -14.07 -4.74 1.66
CA GLY D 101 -15.08 -4.53 2.68
C GLY D 101 -15.43 -5.83 3.37
N LYS D 102 -16.24 -5.74 4.41
CA LYS D 102 -16.71 -6.93 5.09
C LYS D 102 -17.53 -7.75 4.09
N VAL D 103 -18.31 -7.05 3.26
CA VAL D 103 -19.19 -7.69 2.28
C VAL D 103 -18.52 -8.04 0.93
N ARG D 104 -17.37 -7.45 0.66
CA ARG D 104 -16.58 -7.81 -0.55
C ARG D 104 -17.03 -7.06 -1.80
N ASN D 105 -16.12 -6.23 -2.33
CA ASN D 105 -16.40 -5.32 -3.41
C ASN D 105 -17.45 -4.30 -2.99
N ALA D 106 -17.67 -4.25 -1.69
CA ALA D 106 -18.54 -3.24 -1.10
C ALA D 106 -18.09 -1.83 -1.46
N TYR D 107 -16.79 -1.58 -1.38
CA TYR D 107 -16.23 -0.26 -1.69
C TYR D 107 -15.14 -0.31 -2.74
N TRP D 108 -15.02 0.77 -3.50
CA TRP D 108 -14.03 0.91 -4.55
C TRP D 108 -13.36 2.27 -4.45
N GLY D 109 -12.06 2.32 -4.72
CA GLY D 109 -11.35 3.60 -4.76
C GLY D 109 -11.45 4.19 -6.15
N GLN D 110 -10.91 5.40 -6.36
CA GLN D 110 -11.02 6.03 -7.67
C GLN D 110 -10.08 5.39 -8.72
N GLY D 111 -9.16 4.55 -8.26
CA GLY D 111 -8.24 3.86 -9.15
C GLY D 111 -6.96 4.63 -9.44
N THR D 112 -5.94 3.91 -9.88
CA THR D 112 -4.69 4.51 -10.31
C THR D 112 -4.31 3.84 -11.62
N THR D 113 -3.81 4.60 -12.59
CA THR D 113 -3.47 4.02 -13.89
C THR D 113 -2.11 3.36 -13.90
N VAL D 114 -2.04 2.25 -14.63
CA VAL D 114 -0.78 1.55 -14.86
C VAL D 114 -0.58 1.45 -16.35
N THR D 115 0.41 2.17 -16.87
CA THR D 115 0.67 2.14 -18.30
C THR D 115 2.03 1.53 -18.62
N VAL D 116 2.03 0.40 -19.32
CA VAL D 116 3.24 -0.34 -19.63
C VAL D 116 3.66 -0.03 -21.06
N SER D 117 4.67 0.83 -21.19
CA SER D 117 5.09 1.30 -22.50
C SER D 117 6.53 1.78 -22.52
N SER D 118 7.19 1.56 -23.67
CA SER D 118 8.53 2.05 -23.89
C SER D 118 8.55 3.49 -24.43
N LYS D 119 7.38 4.04 -24.73
CA LYS D 119 7.29 5.45 -25.14
C LYS D 119 7.74 6.30 -23.95
N THR D 120 8.38 7.43 -24.21
CA THR D 120 8.88 8.24 -23.10
C THR D 120 7.87 9.31 -22.70
N THR D 121 8.00 9.80 -21.48
CA THR D 121 7.04 10.79 -21.02
C THR D 121 7.24 12.12 -21.75
N THR D 122 6.14 12.76 -22.09
CA THR D 122 6.15 13.96 -22.91
C THR D 122 5.14 14.95 -22.38
N ALA D 123 5.59 16.16 -22.07
CA ALA D 123 4.70 17.20 -21.58
C ALA D 123 3.82 17.65 -22.74
N PRO D 124 2.61 18.14 -22.42
CA PRO D 124 1.70 18.57 -23.48
C PRO D 124 1.93 20.01 -23.89
N SER D 125 1.66 20.31 -25.15
CA SER D 125 1.51 21.69 -25.59
C SER D 125 0.10 22.13 -25.25
N VAL D 126 -0.03 23.31 -24.68
CA VAL D 126 -1.33 23.87 -24.32
C VAL D 126 -1.64 25.03 -25.24
N TYR D 127 -2.69 24.91 -26.04
CA TYR D 127 -3.03 25.97 -26.98
C TYR D 127 -4.36 26.65 -26.63
N PRO D 128 -4.35 27.99 -26.52
CA PRO D 128 -5.57 28.74 -26.28
C PRO D 128 -6.33 28.82 -27.59
N LEU D 129 -7.64 28.62 -27.54
CA LEU D 129 -8.48 28.72 -28.74
C LEU D 129 -9.42 29.90 -28.62
N ALA D 130 -9.08 31.02 -29.26
CA ALA D 130 -9.98 32.18 -29.27
C ALA D 130 -10.98 32.01 -30.43
N PRO D 131 -12.20 32.52 -30.27
CA PRO D 131 -13.25 32.37 -31.29
C PRO D 131 -13.00 33.24 -32.52
N VAL D 132 -13.66 32.91 -33.63
CA VAL D 132 -13.65 33.77 -34.81
C VAL D 132 -14.94 34.57 -34.92
N SER D 140 -23.50 32.71 -25.43
CA SER D 140 -23.05 33.85 -26.22
C SER D 140 -21.70 33.57 -26.89
N VAL D 141 -20.67 33.37 -26.09
CA VAL D 141 -19.35 33.10 -26.64
C VAL D 141 -18.70 31.82 -26.12
N THR D 142 -18.15 31.04 -27.05
CA THR D 142 -17.47 29.79 -26.71
C THR D 142 -15.98 29.94 -26.88
N LEU D 143 -15.22 29.46 -25.90
CA LEU D 143 -13.77 29.44 -25.93
C LEU D 143 -13.32 28.02 -25.78
N GLY D 144 -12.05 27.76 -26.04
CA GLY D 144 -11.53 26.42 -25.88
C GLY D 144 -10.08 26.36 -25.50
N CYS D 145 -9.63 25.17 -25.11
CA CYS D 145 -8.24 24.94 -24.81
C CYS D 145 -7.86 23.58 -25.38
N LEU D 146 -6.76 23.57 -26.12
CA LEU D 146 -6.30 22.38 -26.80
C LEU D 146 -5.02 21.86 -26.15
N VAL D 147 -5.08 20.63 -25.67
CA VAL D 147 -3.97 20.04 -24.92
C VAL D 147 -3.39 18.90 -25.75
N LYS D 148 -2.25 19.17 -26.39
CA LYS D 148 -1.80 18.30 -27.45
C LYS D 148 -0.41 17.69 -27.25
N GLY D 149 -0.30 16.40 -27.55
CA GLY D 149 0.98 15.72 -27.63
C GLY D 149 1.62 15.31 -26.31
N TYR D 150 0.86 14.64 -25.44
CA TYR D 150 1.42 14.22 -24.16
C TYR D 150 1.36 12.71 -23.89
N PHE D 151 2.20 12.27 -22.96
CA PHE D 151 2.28 10.88 -22.55
C PHE D 151 3.02 10.82 -21.21
N PRO D 152 2.47 10.02 -20.27
CA PRO D 152 1.21 9.31 -20.44
C PRO D 152 0.04 10.14 -19.93
N GLU D 153 -1.11 9.49 -19.81
CA GLU D 153 -2.25 10.04 -19.10
C GLU D 153 -1.92 10.04 -17.63
N PRO D 154 -2.59 10.89 -16.84
CA PRO D 154 -3.60 11.83 -17.33
C PRO D 154 -3.10 13.26 -17.25
N VAL D 155 -3.95 14.22 -17.57
CA VAL D 155 -3.74 15.60 -17.19
C VAL D 155 -4.98 15.99 -16.42
N THR D 156 -4.94 17.13 -15.76
CA THR D 156 -6.15 17.73 -15.25
C THR D 156 -6.24 19.10 -15.87
N LEU D 157 -7.43 19.44 -16.37
CA LEU D 157 -7.60 20.74 -16.99
C LEU D 157 -8.58 21.55 -16.17
N THR D 158 -8.27 22.83 -16.05
CA THR D 158 -9.04 23.70 -15.20
C THR D 158 -9.22 25.03 -15.92
N TRP D 159 -10.36 25.65 -15.72
CA TRP D 159 -10.61 26.99 -16.21
C TRP D 159 -10.57 27.94 -15.02
N ASN D 160 -9.77 29.00 -15.15
CA ASN D 160 -9.57 29.96 -14.06
C ASN D 160 -9.31 29.28 -12.71
N SER D 161 -8.26 28.47 -12.67
CA SER D 161 -7.85 27.74 -11.47
C SER D 161 -9.02 27.04 -10.80
N GLY D 162 -10.00 26.66 -11.62
CA GLY D 162 -11.12 25.86 -11.15
C GLY D 162 -12.33 26.69 -10.81
N SER D 163 -12.12 27.98 -10.59
CA SER D 163 -13.21 28.87 -10.20
C SER D 163 -14.22 29.09 -11.33
N LEU D 164 -13.84 28.69 -12.54
CA LEU D 164 -14.76 28.75 -13.68
C LEU D 164 -15.22 27.34 -14.06
N SER D 165 -16.45 26.98 -13.69
CA SER D 165 -16.94 25.63 -13.94
C SER D 165 -18.31 25.59 -14.60
N SER D 166 -18.98 26.74 -14.67
CA SER D 166 -20.27 26.80 -15.34
C SER D 166 -20.11 26.90 -16.86
N GLY D 167 -20.66 25.93 -17.59
CA GLY D 167 -20.65 25.95 -19.04
C GLY D 167 -19.45 25.28 -19.65
N VAL D 168 -18.80 24.41 -18.87
CA VAL D 168 -17.57 23.74 -19.30
C VAL D 168 -17.83 22.33 -19.82
N HIS D 169 -17.12 21.97 -20.89
CA HIS D 169 -17.06 20.59 -21.35
C HIS D 169 -15.62 20.20 -21.56
N THR D 170 -15.16 19.22 -20.80
CA THR D 170 -13.83 18.69 -20.99
C THR D 170 -13.95 17.29 -21.57
N PHE D 171 -13.18 17.01 -22.61
CA PHE D 171 -13.33 15.78 -23.35
C PHE D 171 -12.26 14.74 -23.04
N PRO D 172 -12.63 13.46 -23.10
CA PRO D 172 -11.72 12.35 -22.85
C PRO D 172 -10.59 12.36 -23.84
N ALA D 173 -9.36 12.13 -23.36
CA ALA D 173 -8.21 12.09 -24.24
C ALA D 173 -8.31 10.95 -25.24
N VAL D 174 -7.71 11.15 -26.41
CA VAL D 174 -7.63 10.10 -27.42
C VAL D 174 -6.16 9.94 -27.83
N LEU D 175 -5.72 8.68 -27.97
CA LEU D 175 -4.34 8.40 -28.30
C LEU D 175 -4.10 8.40 -29.82
N GLN D 176 -2.91 8.83 -30.22
CA GLN D 176 -2.56 9.00 -31.62
C GLN D 176 -1.04 8.95 -31.81
N SER D 177 -0.57 7.92 -32.49
CA SER D 177 0.86 7.74 -32.72
C SER D 177 1.70 7.98 -31.46
N ASP D 178 1.35 7.24 -30.40
CA ASP D 178 2.06 7.28 -29.13
C ASP D 178 1.88 8.55 -28.32
N LEU D 179 0.89 9.37 -28.66
CA LEU D 179 0.64 10.63 -27.96
C LEU D 179 -0.85 10.89 -27.74
N TYR D 180 -1.15 11.63 -26.69
CA TYR D 180 -2.54 11.96 -26.36
C TYR D 180 -2.88 13.41 -26.68
N THR D 181 -4.12 13.64 -27.06
CA THR D 181 -4.62 15.01 -27.15
C THR D 181 -5.93 15.09 -26.41
N LEU D 182 -6.16 16.20 -25.71
CA LEU D 182 -7.48 16.43 -25.17
C LEU D 182 -7.87 17.89 -25.35
N SER D 183 -9.16 18.17 -25.22
CA SER D 183 -9.64 19.52 -25.38
C SER D 183 -10.73 19.81 -24.39
N SER D 184 -11.01 21.11 -24.23
CA SER D 184 -12.07 21.56 -23.35
C SER D 184 -12.68 22.84 -23.91
N SER D 185 -13.99 22.97 -23.76
CA SER D 185 -14.72 24.15 -24.18
C SER D 185 -15.33 24.84 -22.97
N VAL D 186 -15.40 26.17 -23.02
CA VAL D 186 -16.11 26.92 -21.98
C VAL D 186 -16.98 28.00 -22.62
N THR D 187 -18.24 28.02 -22.23
CA THR D 187 -19.20 28.96 -22.79
C THR D 187 -19.63 29.97 -21.73
N VAL D 188 -19.45 31.25 -22.03
CA VAL D 188 -19.85 32.34 -21.14
C VAL D 188 -20.60 33.40 -21.92
N THR D 189 -21.24 34.33 -21.20
CA THR D 189 -21.97 35.41 -21.84
C THR D 189 -21.02 36.42 -22.47
N SER D 190 -21.53 37.17 -23.46
CA SER D 190 -20.69 38.10 -24.21
C SER D 190 -20.16 39.23 -23.34
N SER D 191 -20.91 39.58 -22.31
CA SER D 191 -20.48 40.61 -21.39
C SER D 191 -19.32 40.13 -20.52
N THR D 192 -19.12 38.82 -20.50
CA THR D 192 -18.09 38.23 -19.65
C THR D 192 -16.69 38.35 -20.23
N TRP D 193 -16.53 37.99 -21.51
CA TRP D 193 -15.23 37.95 -22.16
C TRP D 193 -15.29 38.72 -23.47
N PRO D 194 -14.21 39.43 -23.84
CA PRO D 194 -12.88 39.48 -23.24
C PRO D 194 -12.74 40.37 -22.01
N SER D 195 -13.83 41.00 -21.57
CA SER D 195 -13.77 41.89 -20.42
C SER D 195 -13.07 41.19 -19.25
N GLN D 196 -13.57 40.00 -18.91
CA GLN D 196 -12.96 39.21 -17.84
C GLN D 196 -11.91 38.25 -18.38
N SER D 197 -10.80 38.14 -17.65
CA SER D 197 -9.74 37.21 -18.01
C SER D 197 -10.22 35.78 -17.83
N ILE D 198 -10.06 34.98 -18.87
CA ILE D 198 -10.32 33.56 -18.80
C ILE D 198 -9.04 32.86 -19.23
N THR D 199 -8.56 31.94 -18.40
CA THR D 199 -7.33 31.23 -18.79
C THR D 199 -7.41 29.73 -18.54
N CYS D 200 -6.70 28.98 -19.37
CA CYS D 200 -6.69 27.53 -19.31
C CYS D 200 -5.51 27.03 -18.48
N ASN D 201 -5.81 26.20 -17.48
CA ASN D 201 -4.80 25.63 -16.59
C ASN D 201 -4.71 24.13 -16.78
N VAL D 202 -3.50 23.66 -17.11
CA VAL D 202 -3.29 22.25 -17.38
C VAL D 202 -2.13 21.70 -16.57
N ALA D 203 -2.38 20.63 -15.83
CA ALA D 203 -1.31 19.96 -15.09
C ALA D 203 -1.02 18.60 -15.70
N HIS D 204 0.25 18.24 -15.76
CA HIS D 204 0.66 16.94 -16.25
C HIS D 204 1.61 16.30 -15.25
N PRO D 205 1.05 15.65 -14.20
CA PRO D 205 1.84 15.09 -13.11
C PRO D 205 3.10 14.36 -13.55
N ALA D 206 3.00 13.49 -14.56
CA ALA D 206 4.14 12.69 -14.98
C ALA D 206 5.32 13.56 -15.42
N SER D 207 5.05 14.78 -15.89
CA SER D 207 6.14 15.68 -16.27
C SER D 207 6.28 16.81 -15.27
N SER D 208 5.56 16.71 -14.15
CA SER D 208 5.62 17.73 -13.12
C SER D 208 5.53 19.11 -13.74
N THR D 209 4.60 19.26 -14.68
CA THR D 209 4.39 20.53 -15.33
C THR D 209 2.98 21.02 -15.10
N LYS D 210 2.84 22.33 -15.12
CA LYS D 210 1.59 22.99 -14.79
C LYS D 210 1.58 24.24 -15.63
N VAL D 211 0.76 24.30 -16.67
CA VAL D 211 0.79 25.50 -17.50
C VAL D 211 -0.52 26.26 -17.65
N ASP D 212 -0.36 27.57 -17.71
CA ASP D 212 -1.45 28.52 -17.81
C ASP D 212 -1.40 29.14 -19.20
N LYS D 213 -2.51 29.07 -19.92
CA LYS D 213 -2.63 29.78 -21.19
C LYS D 213 -3.88 30.66 -21.19
N LYS D 214 -3.66 31.98 -21.28
CA LYS D 214 -4.76 32.93 -21.29
C LYS D 214 -5.42 32.97 -22.66
N ILE D 215 -6.74 33.03 -22.69
CA ILE D 215 -7.44 33.11 -23.96
C ILE D 215 -7.53 34.57 -24.39
N GLU D 216 -6.70 34.95 -25.37
CA GLU D 216 -6.75 36.33 -25.86
C GLU D 216 -7.40 36.48 -27.24
N PRO D 217 -8.17 37.56 -27.41
CA PRO D 217 -9.08 37.88 -28.51
C PRO D 217 -8.60 37.66 -29.95
N ARG D 218 -7.31 37.81 -30.25
CA ARG D 218 -6.86 37.58 -31.62
C ARG D 218 -7.23 38.73 -32.57
N GLY E 1 18.47 23.19 5.55
CA GLY E 1 19.27 22.36 6.43
C GLY E 1 19.91 23.13 7.59
N THR E 2 20.28 22.41 8.64
CA THR E 2 20.83 22.98 9.87
C THR E 2 22.34 23.14 9.69
N LYS E 3 22.94 23.93 10.56
CA LYS E 3 24.39 24.13 10.51
C LYS E 3 25.10 22.78 10.69
N PRO E 4 25.96 22.43 9.72
CA PRO E 4 26.74 21.18 9.73
C PRO E 4 28.01 21.36 10.56
N PRO E 5 28.72 20.28 10.87
CA PRO E 5 29.99 20.45 11.60
C PRO E 5 31.04 21.08 10.70
N LEU E 6 32.08 21.64 11.30
CA LEU E 6 33.07 22.44 10.56
C LEU E 6 33.74 21.70 9.39
N GLU E 7 33.78 20.38 9.47
CA GLU E 7 34.40 19.61 8.40
C GLU E 7 33.45 19.42 7.19
N GLU E 8 32.23 19.95 7.31
CA GLU E 8 31.25 19.92 6.22
C GLU E 8 30.85 21.33 5.78
N LEU E 9 31.45 22.34 6.41
CA LEU E 9 31.22 23.73 6.02
C LEU E 9 31.77 23.98 4.61
N GLY F 1 -18.13 -24.36 -7.35
CA GLY F 1 -17.31 -23.19 -7.18
C GLY F 1 -16.10 -23.43 -6.29
N THR F 2 -15.54 -22.32 -5.79
CA THR F 2 -14.26 -22.33 -5.04
C THR F 2 -14.50 -22.25 -3.52
N LYS F 3 -13.49 -22.62 -2.74
CA LYS F 3 -13.59 -22.55 -1.30
C LYS F 3 -13.78 -21.10 -0.85
N PRO F 4 -14.90 -20.81 -0.18
CA PRO F 4 -15.16 -19.45 0.29
C PRO F 4 -14.58 -19.24 1.67
N PRO F 5 -14.59 -17.99 2.16
CA PRO F 5 -14.16 -17.65 3.52
C PRO F 5 -15.17 -18.18 4.53
N LEU F 6 -14.68 -18.41 5.75
CA LEU F 6 -15.51 -18.88 6.85
C LEU F 6 -16.82 -18.11 6.95
#